data_6D1N
#
_entry.id   6D1N
#
_cell.length_a   125.780
_cell.length_b   130.275
_cell.length_c   94.220
_cell.angle_alpha   90.00
_cell.angle_beta   100.27
_cell.angle_gamma   90.00
#
_symmetry.space_group_name_H-M   'C 1 2 1'
#
loop_
_entity.id
_entity.type
_entity.pdbx_description
1 polymer Beta-galactosidase/beta-glucuronidase
2 non-polymer GLYCEROL
3 non-polymer 'CHLORIDE ION'
4 water water
#
_entity_poly.entity_id   1
_entity_poly.type   'polypeptide(L)'
_entity_poly.pdbx_seq_one_letter_code
;MKTLLKNSLTFLLMLMPVLAFAQQAPQIMNVSARQTTSLDGQWKTIVDPFENGYYDYRLKPYDGGYAQDKTYSDKTKLQE
YDFETDKLLFVPGDWNTQRPQLYYYEGTVWYRKHFEYSLQPGKRLFLNFGAVNYEAIVWLNGKRLGRHIGGFTPFNFEIT
NLLKEGTNSLVVKVDNKRLPEAVPTVNADWWNFGGITRPVTLIEMPATYIRDYYVQLAKDDKNMIEGWVQLEGSDKEQKI
TLDIPELKVKKEVTTDANGYASFLIKSKPILWTPENPKLYAVNLASETDKVSDEIGFRTIRTEGIKILLNDKEIFCRGIS
IHEETPYYSGRAYSKDHAHTLLSWAKELGCNFVRLAHYPHNEEMVREAERMGFLVWSEIPVYWTIHWENKDTYQNAEQQL
CDMIARDKNRCNIIIWSIANETPHSKTRLTFLSNLANKARSLDSVRLIGAAMEKEEVQPGVLTVNDPLGELLDIISFNEY
VGWYDGDSEKCDRVNWTFDTQKPVFISELGGGALYGHHGSPKERFTEEYQEDLYIRHVNMLKRIPGLAGTTPWILKDFRS
PRRHVPEIQDDFNRKGLVSDKGQKKKAFFVLQKWYKELTEAYK
;
_entity_poly.pdbx_strand_id   A,B
#
loop_
_chem_comp.id
_chem_comp.type
_chem_comp.name
_chem_comp.formula
CL non-polymer 'CHLORIDE ION' 'Cl -1'
GOL non-polymer GLYCEROL 'C3 H8 O3'
#
# COMPACT_ATOMS: atom_id res chain seq x y z
N ALA A 25 -15.69 -23.53 18.59
CA ALA A 25 -16.02 -24.36 17.44
C ALA A 25 -16.92 -23.66 16.41
N PRO A 26 -18.03 -23.04 16.80
CA PRO A 26 -18.83 -22.33 15.80
C PRO A 26 -18.15 -21.02 15.42
N GLN A 27 -18.65 -20.42 14.34
CA GLN A 27 -18.11 -19.15 13.89
C GLN A 27 -18.45 -18.06 14.89
N ILE A 28 -17.56 -17.07 15.00
CA ILE A 28 -17.78 -15.92 15.87
C ILE A 28 -17.97 -14.69 14.98
N MET A 29 -19.14 -14.07 15.09
CA MET A 29 -19.45 -12.88 14.31
C MET A 29 -18.61 -11.68 14.77
N ASN A 30 -18.03 -10.96 13.82
CA ASN A 30 -17.43 -9.65 14.09
C ASN A 30 -16.26 -9.77 15.07
N VAL A 31 -15.26 -10.57 14.69
CA VAL A 31 -14.12 -10.84 15.57
C VAL A 31 -13.41 -9.55 15.98
N SER A 32 -13.24 -8.61 15.05
CA SER A 32 -12.46 -7.40 15.32
C SER A 32 -13.03 -6.55 16.45
N ALA A 33 -14.33 -6.65 16.73
CA ALA A 33 -14.98 -5.87 17.77
C ALA A 33 -14.93 -6.54 19.15
N ARG A 34 -14.31 -7.71 19.26
CA ARG A 34 -14.27 -8.44 20.51
C ARG A 34 -13.01 -8.06 21.29
N GLN A 35 -12.86 -8.64 22.47
CA GLN A 35 -11.64 -8.47 23.25
C GLN A 35 -10.56 -9.41 22.66
N THR A 36 -9.77 -8.85 21.76
CA THR A 36 -8.83 -9.61 20.96
C THR A 36 -7.39 -9.34 21.39
N THR A 37 -6.55 -10.36 21.21
CA THR A 37 -5.10 -10.25 21.35
C THR A 37 -4.45 -10.90 20.14
N SER A 38 -3.67 -10.13 19.38
CA SER A 38 -3.03 -10.68 18.19
C SER A 38 -1.93 -11.68 18.56
N LEU A 39 -1.85 -12.76 17.79
CA LEU A 39 -0.70 -13.64 17.83
C LEU A 39 0.20 -13.48 16.61
N ASP A 40 0.01 -12.42 15.84
CA ASP A 40 0.74 -12.25 14.59
C ASP A 40 2.18 -11.80 14.87
N GLY A 41 3.00 -11.91 13.84
CA GLY A 41 4.38 -11.46 13.93
C GLY A 41 5.27 -12.38 13.13
N GLN A 42 6.29 -12.94 13.76
CA GLN A 42 7.16 -13.89 13.10
C GLN A 42 7.19 -15.16 13.95
N TRP A 43 6.90 -16.29 13.32
CA TRP A 43 6.80 -17.58 13.99
C TRP A 43 7.93 -18.50 13.53
N LYS A 44 8.28 -19.45 14.38
CA LYS A 44 9.24 -20.48 14.01
C LYS A 44 8.63 -21.47 13.02
N THR A 45 9.44 -21.98 12.09
CA THR A 45 8.90 -22.80 11.01
C THR A 45 9.81 -23.97 10.67
N ILE A 46 9.20 -25.02 10.11
CA ILE A 46 9.94 -26.17 9.59
C ILE A 46 9.28 -26.60 8.30
N VAL A 47 10.03 -26.54 7.20
CA VAL A 47 9.55 -27.04 5.92
C VAL A 47 9.74 -28.55 5.90
N ASP A 48 8.70 -29.29 5.52
CA ASP A 48 8.64 -30.73 5.78
C ASP A 48 7.88 -31.42 4.65
N PRO A 49 8.48 -31.47 3.46
CA PRO A 49 7.73 -31.98 2.30
C PRO A 49 7.31 -33.43 2.43
N PHE A 50 8.11 -34.27 3.08
CA PHE A 50 7.77 -35.67 3.27
C PHE A 50 6.99 -35.90 4.57
N GLU A 51 6.63 -34.84 5.28
CA GLU A 51 5.80 -34.93 6.48
C GLU A 51 6.44 -35.85 7.52
N ASN A 52 7.77 -35.73 7.63
CA ASN A 52 8.51 -36.48 8.63
C ASN A 52 8.04 -36.15 10.05
N GLY A 53 7.54 -34.93 10.28
CA GLY A 53 7.10 -34.61 11.62
C GLY A 53 5.75 -35.17 12.00
N TYR A 54 5.10 -35.86 11.08
CA TYR A 54 3.77 -36.40 11.28
C TYR A 54 3.73 -37.92 11.09
N TYR A 55 4.45 -38.45 10.10
CA TYR A 55 4.47 -39.87 9.78
C TYR A 55 5.83 -40.49 10.09
N ASP A 56 5.82 -41.75 10.55
CA ASP A 56 7.09 -42.45 10.68
C ASP A 56 7.40 -43.19 9.37
N TYR A 57 8.52 -43.92 9.36
CA TYR A 57 8.98 -44.55 8.13
C TYR A 57 8.13 -45.75 7.72
N ARG A 58 7.18 -46.15 8.56
CA ARG A 58 6.12 -47.06 8.14
C ARG A 58 4.89 -46.30 7.64
N LEU A 59 5.02 -44.97 7.44
CA LEU A 59 3.90 -44.10 7.05
C LEU A 59 2.74 -44.23 8.03
N LYS A 60 3.08 -44.35 9.31
CA LYS A 60 2.09 -44.40 10.36
C LYS A 60 2.17 -43.11 11.16
N PRO A 61 1.05 -42.46 11.45
CA PRO A 61 1.09 -41.34 12.38
C PRO A 61 1.75 -41.81 13.68
N TYR A 62 2.70 -41.03 14.16
CA TYR A 62 3.36 -41.36 15.41
C TYR A 62 3.19 -40.22 16.38
N ASP A 63 3.51 -40.50 17.64
CA ASP A 63 3.46 -39.50 18.70
C ASP A 63 4.88 -39.13 19.09
N GLY A 64 5.08 -37.87 19.47
CA GLY A 64 6.42 -37.36 19.63
C GLY A 64 6.98 -36.65 18.41
N GLY A 65 6.14 -36.37 17.41
CA GLY A 65 6.53 -35.58 16.26
C GLY A 65 6.54 -34.10 16.58
N TYR A 66 6.57 -33.30 15.51
CA TYR A 66 6.91 -31.88 15.67
C TYR A 66 5.87 -31.14 16.51
N ALA A 67 4.63 -31.61 16.53
CA ALA A 67 3.59 -30.88 17.26
C ALA A 67 3.88 -30.80 18.76
N GLN A 68 4.76 -31.65 19.30
CA GLN A 68 5.16 -31.54 20.70
C GLN A 68 6.02 -30.31 20.98
N ASP A 69 6.67 -29.73 19.97
CA ASP A 69 7.42 -28.48 20.15
C ASP A 69 8.46 -28.60 21.27
N LYS A 70 9.17 -29.71 21.26
CA LYS A 70 10.19 -29.98 22.27
C LYS A 70 11.48 -29.27 21.90
N THR A 71 11.86 -28.27 22.68
CA THR A 71 13.14 -27.60 22.45
C THR A 71 14.26 -28.60 22.66
N TYR A 72 15.19 -28.63 21.70
CA TYR A 72 16.27 -29.64 21.70
C TYR A 72 17.42 -29.17 22.60
N SER A 73 17.13 -29.15 23.91
CA SER A 73 18.09 -28.69 24.91
C SER A 73 19.08 -29.79 25.31
N ASP A 74 18.60 -31.00 25.50
CA ASP A 74 19.41 -32.10 26.02
C ASP A 74 19.91 -32.92 24.84
N LYS A 75 21.12 -32.63 24.39
CA LYS A 75 21.73 -33.28 23.24
C LYS A 75 22.31 -34.67 23.56
N THR A 76 22.11 -35.20 24.78
CA THR A 76 22.37 -36.62 25.02
C THR A 76 21.25 -37.51 24.51
N LYS A 77 20.12 -36.93 24.13
CA LYS A 77 19.03 -37.65 23.49
C LYS A 77 18.94 -37.28 22.02
N LEU A 78 18.29 -38.15 21.24
CA LEU A 78 18.14 -37.96 19.81
C LEU A 78 16.78 -37.36 19.47
N GLN A 79 16.77 -36.27 18.71
CA GLN A 79 15.59 -35.91 17.91
C GLN A 79 16.09 -35.26 16.63
N GLU A 80 15.17 -35.07 15.69
CA GLU A 80 15.49 -34.70 14.31
C GLU A 80 14.98 -33.31 13.95
N TYR A 81 14.62 -32.49 14.94
CA TYR A 81 14.07 -31.18 14.67
C TYR A 81 14.32 -30.31 15.89
N ASP A 82 14.11 -29.01 15.71
CA ASP A 82 14.18 -28.01 16.78
C ASP A 82 13.57 -26.69 16.33
N PHE A 83 12.29 -26.45 16.64
CA PHE A 83 11.69 -25.14 16.34
C PHE A 83 12.55 -24.02 16.91
N GLU A 84 13.15 -24.26 18.08
CA GLU A 84 13.72 -23.16 18.84
C GLU A 84 14.87 -22.49 18.08
N THR A 85 15.56 -23.22 17.21
CA THR A 85 16.67 -22.67 16.45
C THR A 85 16.39 -22.68 14.95
N ASP A 86 15.14 -22.82 14.53
CA ASP A 86 14.85 -22.88 13.11
C ASP A 86 14.49 -21.48 12.58
N LYS A 87 14.11 -21.42 11.31
CA LYS A 87 13.91 -20.15 10.62
C LYS A 87 12.51 -19.60 10.89
N LEU A 88 12.36 -18.31 10.65
CA LEU A 88 11.10 -17.58 10.84
C LEU A 88 10.33 -17.43 9.53
N LEU A 89 9.00 -17.35 9.64
CA LEU A 89 8.15 -16.79 8.59
C LEU A 89 7.23 -15.75 9.23
N PHE A 90 6.83 -14.77 8.43
CA PHE A 90 5.84 -13.80 8.88
C PHE A 90 4.45 -14.42 8.91
N VAL A 91 3.71 -14.12 9.98
CA VAL A 91 2.31 -14.49 10.12
C VAL A 91 1.57 -13.18 10.37
N PRO A 92 0.58 -12.81 9.56
CA PRO A 92 0.05 -13.56 8.41
C PRO A 92 0.83 -13.35 7.10
N GLY A 93 0.69 -14.29 6.18
CA GLY A 93 1.13 -14.15 4.82
C GLY A 93 1.19 -15.49 4.14
N ASP A 94 1.22 -15.46 2.81
CA ASP A 94 1.65 -16.63 2.08
C ASP A 94 3.13 -16.89 2.37
N TRP A 95 3.56 -18.14 2.22
CA TRP A 95 4.98 -18.38 2.34
C TRP A 95 5.73 -18.16 1.04
N ASN A 96 5.02 -18.11 -0.09
CA ASN A 96 5.66 -18.22 -1.39
C ASN A 96 6.54 -17.02 -1.71
N THR A 97 6.10 -15.82 -1.35
CA THR A 97 6.89 -14.62 -1.61
C THR A 97 7.90 -14.34 -0.50
N GLN A 98 7.98 -15.19 0.53
CA GLN A 98 8.86 -14.89 1.65
C GLN A 98 10.26 -15.45 1.47
N ARG A 99 10.42 -16.58 0.78
CA ARG A 99 11.71 -17.18 0.50
C ARG A 99 11.67 -17.66 -0.94
N PRO A 100 12.76 -17.48 -1.69
CA PRO A 100 12.84 -18.08 -3.04
C PRO A 100 12.56 -19.57 -3.05
N GLN A 101 13.08 -20.31 -2.08
CA GLN A 101 12.85 -21.76 -2.02
C GLN A 101 11.38 -22.11 -1.88
N LEU A 102 10.56 -21.21 -1.36
CA LEU A 102 9.14 -21.51 -1.13
C LEU A 102 8.24 -20.95 -2.22
N TYR A 103 8.83 -20.35 -3.27
CA TYR A 103 8.06 -19.76 -4.37
C TYR A 103 7.03 -20.74 -4.93
N TYR A 104 7.47 -21.93 -5.33
CA TYR A 104 6.57 -22.95 -5.84
C TYR A 104 6.11 -23.96 -4.80
N TYR A 105 6.41 -23.76 -3.52
CA TYR A 105 6.33 -24.87 -2.57
C TYR A 105 4.88 -25.31 -2.35
N GLU A 106 4.65 -26.61 -2.52
CA GLU A 106 3.35 -27.24 -2.29
C GLU A 106 3.59 -28.40 -1.33
N GLY A 107 3.07 -28.30 -0.14
CA GLY A 107 3.34 -29.31 0.86
C GLY A 107 3.20 -28.71 2.24
N THR A 108 3.84 -29.36 3.20
CA THR A 108 3.66 -29.03 4.60
C THR A 108 4.76 -28.09 5.08
N VAL A 109 4.34 -27.01 5.73
CA VAL A 109 5.21 -26.18 6.56
C VAL A 109 4.60 -26.17 7.96
N TRP A 110 5.42 -26.51 8.96
CA TRP A 110 5.00 -26.39 10.35
C TRP A 110 5.26 -24.97 10.84
N TYR A 111 4.31 -24.44 11.61
CA TYR A 111 4.42 -23.13 12.23
C TYR A 111 4.30 -23.30 13.73
N ARG A 112 5.08 -22.54 14.48
CA ARG A 112 5.02 -22.62 15.93
C ARG A 112 5.11 -21.22 16.54
N LYS A 113 4.32 -21.00 17.58
CA LYS A 113 4.26 -19.74 18.31
C LYS A 113 4.17 -20.04 19.81
N HIS A 114 4.93 -19.30 20.61
CA HIS A 114 4.84 -19.33 22.07
C HIS A 114 4.16 -18.06 22.58
N PHE A 115 3.33 -18.20 23.60
CA PHE A 115 2.64 -17.04 24.14
C PHE A 115 2.24 -17.31 25.59
N GLU A 116 1.97 -16.24 26.30
CA GLU A 116 1.36 -16.29 27.62
C GLU A 116 0.01 -15.59 27.58
N TYR A 117 -0.90 -16.02 28.45
CA TYR A 117 -2.19 -15.37 28.55
C TYR A 117 -2.77 -15.64 29.92
N SER A 118 -3.24 -14.59 30.59
CA SER A 118 -3.82 -14.69 31.92
C SER A 118 -5.34 -14.62 31.78
N LEU A 119 -6.02 -15.71 32.10
CA LEU A 119 -7.45 -15.81 31.90
C LEU A 119 -8.11 -15.92 33.26
N GLN A 120 -8.87 -14.91 33.64
CA GLN A 120 -9.58 -14.98 34.90
C GLN A 120 -10.60 -16.12 34.83
N PRO A 121 -10.73 -16.91 35.90
CA PRO A 121 -11.61 -18.08 35.83
C PRO A 121 -13.06 -17.69 35.59
N GLY A 122 -13.75 -18.51 34.80
CA GLY A 122 -15.06 -18.12 34.34
C GLY A 122 -15.07 -17.61 32.91
N LYS A 123 -14.03 -16.86 32.54
CA LYS A 123 -13.92 -16.36 31.19
C LYS A 123 -13.47 -17.45 30.23
N ARG A 124 -13.77 -17.24 28.95
CA ARG A 124 -13.47 -18.20 27.90
C ARG A 124 -12.49 -17.58 26.90
N LEU A 125 -11.73 -18.43 26.23
CA LEU A 125 -10.71 -17.97 25.31
C LEU A 125 -10.75 -18.83 24.05
N PHE A 126 -10.84 -18.17 22.91
CA PHE A 126 -10.90 -18.83 21.62
C PHE A 126 -9.69 -18.44 20.77
N LEU A 127 -9.28 -19.36 19.91
CA LEU A 127 -8.21 -19.13 18.96
C LEU A 127 -8.83 -19.06 17.57
N ASN A 128 -8.70 -17.91 16.92
CA ASN A 128 -9.36 -17.64 15.64
C ASN A 128 -8.31 -17.51 14.54
N PHE A 129 -8.48 -18.27 13.48
CA PHE A 129 -7.68 -18.17 12.27
C PHE A 129 -8.54 -17.53 11.19
N GLY A 130 -8.07 -16.40 10.64
CA GLY A 130 -8.79 -15.77 9.55
C GLY A 130 -8.82 -16.63 8.30
N ALA A 131 -7.71 -17.35 8.04
CA ALA A 131 -7.62 -18.30 6.94
C ALA A 131 -6.28 -19.01 6.97
N VAL A 132 -6.27 -20.27 6.54
CA VAL A 132 -5.06 -21.06 6.36
C VAL A 132 -5.26 -21.86 5.08
N ASN A 133 -4.35 -21.71 4.11
CA ASN A 133 -4.42 -22.53 2.90
C ASN A 133 -3.38 -23.65 2.95
N TYR A 134 -3.82 -24.91 2.84
CA TYR A 134 -5.19 -25.32 2.54
C TYR A 134 -5.76 -26.13 3.69
N GLU A 135 -4.97 -27.08 4.17
CA GLU A 135 -5.31 -27.89 5.33
C GLU A 135 -4.47 -27.45 6.53
N ALA A 136 -5.14 -27.21 7.65
CA ALA A 136 -4.50 -26.87 8.90
C ALA A 136 -4.84 -27.92 9.95
N ILE A 137 -3.81 -28.45 10.61
CA ILE A 137 -3.97 -29.22 11.83
C ILE A 137 -3.32 -28.41 12.95
N VAL A 138 -4.03 -28.28 14.07
CA VAL A 138 -3.65 -27.33 15.14
C VAL A 138 -3.50 -28.09 16.45
N TRP A 139 -2.37 -27.85 17.13
CA TRP A 139 -2.12 -28.35 18.47
C TRP A 139 -1.85 -27.19 19.43
N LEU A 140 -2.32 -27.33 20.66
CA LEU A 140 -1.94 -26.46 21.77
C LEU A 140 -1.31 -27.31 22.85
N ASN A 141 -0.07 -27.00 23.22
CA ASN A 141 0.61 -27.73 24.30
C ASN A 141 0.64 -29.22 24.01
N GLY A 142 0.93 -29.57 22.75
CA GLY A 142 1.05 -30.95 22.35
C GLY A 142 -0.23 -31.72 22.18
N LYS A 143 -1.40 -31.09 22.33
CA LYS A 143 -2.68 -31.78 22.17
C LYS A 143 -3.46 -31.20 20.99
N ARG A 144 -4.00 -32.09 20.17
CA ARG A 144 -4.66 -31.69 18.93
C ARG A 144 -5.96 -30.93 19.21
N LEU A 145 -6.07 -29.71 18.68
CA LEU A 145 -7.32 -28.97 18.80
C LEU A 145 -8.31 -29.37 17.72
N GLY A 146 -7.84 -29.63 16.53
CA GLY A 146 -8.73 -29.95 15.42
C GLY A 146 -8.03 -29.73 14.10
N ARG A 147 -8.85 -29.68 13.05
CA ARG A 147 -8.38 -29.68 11.67
C ARG A 147 -9.32 -28.82 10.84
N HIS A 148 -8.78 -28.17 9.82
CA HIS A 148 -9.61 -27.40 8.91
C HIS A 148 -9.16 -27.62 7.47
N ILE A 149 -10.14 -27.70 6.56
CA ILE A 149 -9.86 -27.66 5.14
C ILE A 149 -10.67 -26.52 4.53
N GLY A 150 -10.14 -25.95 3.46
CA GLY A 150 -10.71 -24.74 2.89
C GLY A 150 -9.79 -23.58 3.18
N GLY A 151 -9.16 -23.04 2.14
CA GLY A 151 -8.10 -22.10 2.39
C GLY A 151 -8.49 -20.67 2.63
N PHE A 152 -9.79 -20.34 2.63
CA PHE A 152 -10.20 -18.94 2.59
C PHE A 152 -11.33 -18.61 3.55
N THR A 153 -11.65 -19.50 4.50
CA THR A 153 -12.72 -19.24 5.43
C THR A 153 -12.19 -19.36 6.86
N PRO A 154 -12.69 -18.56 7.79
CA PRO A 154 -12.16 -18.57 9.15
C PRO A 154 -12.65 -19.79 9.93
N PHE A 155 -11.91 -20.09 11.00
CA PHE A 155 -12.29 -21.17 11.92
C PHE A 155 -11.73 -20.86 13.32
N ASN A 156 -12.37 -21.43 14.34
CA ASN A 156 -12.07 -21.18 15.75
C ASN A 156 -11.90 -22.49 16.52
N PHE A 157 -11.10 -22.42 17.59
CA PHE A 157 -11.04 -23.45 18.61
C PHE A 157 -11.15 -22.78 19.97
N GLU A 158 -11.93 -23.36 20.87
CA GLU A 158 -11.93 -22.88 22.24
C GLU A 158 -10.74 -23.50 22.97
N ILE A 159 -9.98 -22.68 23.68
CA ILE A 159 -8.81 -23.18 24.40
C ILE A 159 -8.89 -22.87 25.89
N THR A 160 -10.06 -22.43 26.36
CA THR A 160 -10.31 -22.10 27.76
C THR A 160 -9.63 -23.06 28.73
N ASN A 161 -9.81 -24.36 28.53
CA ASN A 161 -9.36 -25.35 29.49
C ASN A 161 -7.98 -25.91 29.17
N LEU A 162 -7.43 -25.63 27.99
CA LEU A 162 -6.12 -26.15 27.65
C LEU A 162 -5.02 -25.12 27.83
N LEU A 163 -5.37 -23.94 28.30
CA LEU A 163 -4.40 -22.89 28.53
C LEU A 163 -3.62 -23.19 29.79
N LYS A 164 -2.29 -23.18 29.69
CA LYS A 164 -1.47 -23.44 30.86
C LYS A 164 -0.84 -22.14 31.32
N GLU A 165 -0.36 -22.16 32.56
CA GLU A 165 0.40 -21.03 33.08
C GLU A 165 1.80 -21.03 32.48
N GLY A 166 2.39 -19.85 32.38
CA GLY A 166 3.66 -19.74 31.72
C GLY A 166 3.55 -19.82 30.22
N THR A 167 4.48 -20.54 29.61
CA THR A 167 4.57 -20.59 28.17
C THR A 167 3.58 -21.60 27.61
N ASN A 168 2.75 -21.16 26.69
CA ASN A 168 1.90 -22.04 25.90
C ASN A 168 2.52 -22.19 24.52
N SER A 169 2.39 -23.38 23.95
CA SER A 169 2.93 -23.71 22.64
C SER A 169 1.80 -23.92 21.67
N LEU A 170 1.82 -23.17 20.58
CA LEU A 170 0.83 -23.31 19.51
C LEU A 170 1.56 -23.81 18.27
N VAL A 171 1.18 -24.98 17.77
CA VAL A 171 1.79 -25.54 16.57
C VAL A 171 0.70 -25.72 15.53
N VAL A 172 0.97 -25.27 14.31
CA VAL A 172 0.05 -25.42 13.19
C VAL A 172 0.78 -26.10 12.05
N LYS A 173 0.29 -27.27 11.65
CA LYS A 173 0.79 -27.96 10.47
C LYS A 173 -0.05 -27.50 9.27
N VAL A 174 0.60 -26.86 8.30
CA VAL A 174 -0.08 -26.25 7.17
C VAL A 174 0.34 -26.95 5.90
N ASP A 175 -0.63 -27.44 5.14
CA ASP A 175 -0.35 -28.13 3.90
C ASP A 175 -1.20 -27.54 2.78
N ASN A 176 -0.58 -27.25 1.64
CA ASN A 176 -1.32 -26.73 0.48
C ASN A 176 -1.18 -27.62 -0.75
N LYS A 177 -0.81 -28.89 -0.58
CA LYS A 177 -0.83 -29.82 -1.69
C LYS A 177 -2.16 -29.75 -2.42
N ARG A 178 -2.11 -29.73 -3.75
CA ARG A 178 -3.35 -29.79 -4.53
C ARG A 178 -3.93 -31.18 -4.48
N LEU A 179 -5.24 -31.28 -4.21
CA LEU A 179 -5.90 -32.56 -4.14
C LEU A 179 -7.01 -32.66 -5.18
N PRO A 180 -7.12 -33.79 -5.89
CA PRO A 180 -8.21 -33.93 -6.87
C PRO A 180 -9.58 -33.64 -6.26
N GLU A 181 -9.84 -34.15 -5.06
CA GLU A 181 -11.15 -34.05 -4.45
C GLU A 181 -11.38 -32.76 -3.67
N ALA A 182 -10.44 -31.82 -3.70
CA ALA A 182 -10.53 -30.61 -2.90
C ALA A 182 -11.34 -29.51 -3.62
N VAL A 183 -11.66 -28.46 -2.87
CA VAL A 183 -12.33 -27.27 -3.40
C VAL A 183 -11.45 -26.07 -3.09
N PRO A 184 -10.68 -25.56 -4.08
CA PRO A 184 -10.57 -25.96 -5.48
C PRO A 184 -9.74 -27.23 -5.71
N THR A 185 -9.71 -27.73 -6.95
CA THR A 185 -9.10 -28.99 -7.32
C THR A 185 -7.68 -28.73 -7.87
N VAL A 186 -7.17 -29.66 -8.70
CA VAL A 186 -5.74 -29.67 -9.02
C VAL A 186 -5.36 -28.69 -10.11
N ASN A 187 -6.30 -27.88 -10.59
CA ASN A 187 -6.05 -26.94 -11.67
C ASN A 187 -6.83 -25.66 -11.40
N ALA A 188 -6.14 -24.53 -11.47
CA ALA A 188 -6.78 -23.21 -11.35
C ALA A 188 -5.81 -22.21 -11.93
N ASP A 189 -6.32 -21.02 -12.25
CA ASP A 189 -5.47 -19.97 -12.84
C ASP A 189 -4.97 -18.98 -11.82
N TRP A 190 -4.61 -19.42 -10.61
CA TRP A 190 -3.96 -18.49 -9.68
C TRP A 190 -2.94 -19.24 -8.82
N TRP A 191 -2.03 -18.47 -8.20
CA TRP A 191 -0.92 -19.07 -7.49
C TRP A 191 -1.40 -19.82 -6.26
N ASN A 192 -0.82 -20.99 -6.02
CA ASN A 192 -1.11 -21.81 -4.84
C ASN A 192 -0.31 -21.22 -3.67
N PHE A 193 -0.85 -20.15 -3.11
CA PHE A 193 -0.28 -19.50 -1.94
C PHE A 193 -0.54 -20.35 -0.70
N GLY A 194 0.52 -20.95 -0.10
CA GLY A 194 0.34 -21.69 1.13
C GLY A 194 0.61 -20.84 2.36
N GLY A 195 0.03 -21.25 3.49
CA GLY A 195 0.46 -20.70 4.77
C GLY A 195 -0.70 -20.18 5.60
N ILE A 196 -0.33 -19.53 6.72
CA ILE A 196 -1.28 -18.80 7.56
C ILE A 196 -1.46 -17.41 6.97
N THR A 197 -2.44 -17.27 6.09
CA THR A 197 -2.53 -16.15 5.17
C THR A 197 -3.29 -14.95 5.73
N ARG A 198 -3.97 -15.11 6.85
CA ARG A 198 -4.72 -14.04 7.49
C ARG A 198 -4.43 -14.06 8.98
N PRO A 199 -4.73 -12.97 9.70
CA PRO A 199 -4.32 -12.86 11.11
C PRO A 199 -4.77 -14.02 11.99
N VAL A 200 -4.01 -14.25 13.05
CA VAL A 200 -4.32 -15.23 14.09
C VAL A 200 -4.64 -14.45 15.36
N THR A 201 -5.76 -14.77 16.00
CA THR A 201 -6.29 -13.87 17.02
C THR A 201 -6.83 -14.67 18.19
N LEU A 202 -6.41 -14.29 19.41
CA LEU A 202 -7.02 -14.80 20.63
C LEU A 202 -8.19 -13.90 20.98
N ILE A 203 -9.31 -14.52 21.37
CA ILE A 203 -10.56 -13.82 21.65
C ILE A 203 -11.04 -14.22 23.04
N GLU A 204 -11.12 -13.25 23.95
CA GLU A 204 -11.66 -13.52 25.27
C GLU A 204 -13.14 -13.19 25.29
N MET A 205 -13.94 -14.15 25.78
CA MET A 205 -15.38 -14.04 25.88
C MET A 205 -15.84 -14.23 27.32
N PRO A 206 -16.97 -13.67 27.70
CA PRO A 206 -17.61 -14.06 28.96
C PRO A 206 -18.14 -15.48 28.86
N ALA A 207 -18.51 -16.03 30.01
CA ALA A 207 -18.96 -17.44 30.07
C ALA A 207 -20.14 -17.67 29.14
N THR A 208 -21.08 -16.73 29.09
CA THR A 208 -22.14 -16.77 28.09
C THR A 208 -22.00 -15.51 27.26
N TYR A 209 -21.86 -15.67 25.95
CA TYR A 209 -21.46 -14.57 25.09
C TYR A 209 -22.33 -14.54 23.83
N ILE A 210 -22.38 -13.36 23.22
CA ILE A 210 -23.07 -13.17 21.95
C ILE A 210 -22.20 -13.74 20.84
N ARG A 211 -22.59 -14.90 20.31
CA ARG A 211 -21.75 -15.54 19.29
C ARG A 211 -22.04 -14.99 17.90
N ASP A 212 -23.31 -14.80 17.58
CA ASP A 212 -23.72 -14.51 16.21
C ASP A 212 -24.94 -13.60 16.24
N TYR A 213 -25.11 -12.86 15.16
CA TYR A 213 -26.28 -12.00 15.04
C TYR A 213 -26.42 -11.58 13.58
N TYR A 214 -27.64 -11.17 13.25
CA TYR A 214 -28.01 -10.71 11.92
C TYR A 214 -28.87 -9.46 12.08
N VAL A 215 -28.51 -8.39 11.36
CA VAL A 215 -29.24 -7.13 11.39
C VAL A 215 -29.23 -6.55 9.98
N GLN A 216 -30.35 -6.67 9.27
CA GLN A 216 -30.48 -6.18 7.91
C GLN A 216 -31.94 -5.82 7.67
N LEU A 217 -32.19 -5.08 6.59
CA LEU A 217 -33.57 -4.84 6.19
C LEU A 217 -34.23 -6.13 5.74
N ALA A 218 -35.53 -6.27 6.04
CA ALA A 218 -36.28 -7.38 5.50
C ALA A 218 -36.34 -7.27 3.98
N LYS A 219 -36.62 -8.40 3.33
CA LYS A 219 -36.59 -8.47 1.88
C LYS A 219 -37.51 -7.43 1.26
N ASP A 220 -36.95 -6.58 0.39
CA ASP A 220 -37.68 -5.60 -0.40
C ASP A 220 -38.41 -4.57 0.46
N ASP A 221 -37.91 -4.30 1.64
CA ASP A 221 -38.62 -3.47 2.61
C ASP A 221 -37.66 -2.39 3.09
N LYS A 222 -37.96 -1.13 2.72
CA LYS A 222 -37.11 -0.01 3.09
C LYS A 222 -37.26 0.41 4.54
N ASN A 223 -38.25 -0.12 5.26
CA ASN A 223 -38.58 0.40 6.57
C ASN A 223 -38.51 -0.62 7.70
N MET A 224 -38.26 -1.88 7.40
CA MET A 224 -38.31 -2.93 8.39
C MET A 224 -36.92 -3.50 8.55
N ILE A 225 -36.30 -3.23 9.69
CA ILE A 225 -35.07 -3.91 10.11
C ILE A 225 -35.46 -5.20 10.80
N GLU A 226 -35.01 -6.32 10.26
CA GLU A 226 -35.25 -7.59 10.92
C GLU A 226 -33.92 -8.17 11.38
N GLY A 227 -33.99 -9.11 12.30
CA GLY A 227 -32.77 -9.78 12.67
C GLY A 227 -32.96 -10.75 13.81
N TRP A 228 -31.83 -11.18 14.33
CA TRP A 228 -31.80 -12.21 15.34
C TRP A 228 -30.43 -12.21 15.97
N VAL A 229 -30.39 -12.71 17.20
CA VAL A 229 -29.17 -12.78 18.00
C VAL A 229 -29.09 -14.19 18.57
N GLN A 230 -27.86 -14.71 18.67
CA GLN A 230 -27.62 -16.07 19.10
C GLN A 230 -26.54 -16.06 20.17
N LEU A 231 -26.90 -16.48 21.38
CA LEU A 231 -25.99 -16.61 22.52
C LEU A 231 -25.44 -18.03 22.57
N GLU A 232 -24.25 -18.16 23.20
CA GLU A 232 -23.66 -19.47 23.47
C GLU A 232 -23.04 -19.47 24.85
N GLY A 233 -23.17 -20.61 25.53
CA GLY A 233 -22.77 -20.75 26.91
C GLY A 233 -23.90 -21.28 27.75
N SER A 234 -23.61 -21.44 29.04
CA SER A 234 -24.53 -22.17 29.91
C SER A 234 -25.74 -21.34 30.32
N ASP A 235 -25.72 -20.02 30.13
CA ASP A 235 -26.86 -19.20 30.48
C ASP A 235 -27.45 -18.51 29.26
N LYS A 236 -27.89 -19.33 28.29
CA LYS A 236 -28.33 -18.86 26.99
C LYS A 236 -29.60 -18.01 27.05
N GLU A 237 -30.38 -18.10 28.13
CA GLU A 237 -31.64 -17.38 28.28
C GLU A 237 -31.39 -16.06 29.00
N GLN A 238 -31.43 -14.96 28.24
CA GLN A 238 -30.98 -13.65 28.72
C GLN A 238 -31.78 -12.55 28.04
N LYS A 239 -31.81 -11.38 28.68
CA LYS A 239 -32.33 -10.19 28.05
C LYS A 239 -31.28 -9.58 27.12
N ILE A 240 -31.72 -9.17 25.94
CA ILE A 240 -30.85 -8.61 24.91
C ILE A 240 -31.40 -7.25 24.54
N THR A 241 -30.52 -6.26 24.43
CA THR A 241 -30.90 -4.95 23.93
C THR A 241 -30.13 -4.64 22.66
N LEU A 242 -30.87 -4.26 21.62
CA LEU A 242 -30.32 -3.82 20.34
C LEU A 242 -30.52 -2.32 20.23
N ASP A 243 -29.41 -1.57 20.24
CA ASP A 243 -29.43 -0.11 20.14
C ASP A 243 -28.87 0.31 18.80
N ILE A 244 -29.62 1.15 18.09
CA ILE A 244 -29.08 1.93 16.98
C ILE A 244 -29.32 3.41 17.33
N PRO A 245 -28.38 4.07 18.02
CA PRO A 245 -28.68 5.40 18.58
C PRO A 245 -29.05 6.45 17.56
N GLU A 246 -28.35 6.50 16.41
CA GLU A 246 -28.64 7.52 15.42
C GLU A 246 -30.06 7.39 14.88
N LEU A 247 -30.62 6.19 14.89
CA LEU A 247 -32.01 5.97 14.51
C LEU A 247 -32.96 6.00 15.69
N LYS A 248 -32.46 6.26 16.90
CA LYS A 248 -33.26 6.20 18.12
C LYS A 248 -34.01 4.88 18.21
N VAL A 249 -33.34 3.79 17.85
CA VAL A 249 -33.85 2.45 17.99
C VAL A 249 -33.30 1.85 19.26
N LYS A 250 -34.20 1.41 20.16
CA LYS A 250 -33.81 0.64 21.34
C LYS A 250 -34.80 -0.50 21.48
N LYS A 251 -34.36 -1.72 21.19
CA LYS A 251 -35.24 -2.89 21.18
C LYS A 251 -34.74 -3.89 22.21
N GLU A 252 -35.64 -4.30 23.10
CA GLU A 252 -35.36 -5.32 24.08
C GLU A 252 -36.11 -6.59 23.72
N VAL A 253 -35.41 -7.72 23.82
CA VAL A 253 -35.96 -9.05 23.62
C VAL A 253 -35.29 -9.97 24.63
N THR A 254 -35.88 -11.14 24.81
CA THR A 254 -35.34 -12.17 25.68
C THR A 254 -35.10 -13.42 24.87
N THR A 255 -33.90 -13.99 24.96
CA THR A 255 -33.61 -15.19 24.21
C THR A 255 -34.30 -16.39 24.86
N ASP A 256 -34.54 -17.43 24.06
CA ASP A 256 -35.14 -18.67 24.52
C ASP A 256 -34.05 -19.60 25.06
N ALA A 257 -34.41 -20.85 25.36
CA ALA A 257 -33.46 -21.78 25.96
C ALA A 257 -32.37 -22.21 25.00
N ASN A 258 -32.55 -21.99 23.70
CA ASN A 258 -31.47 -22.22 22.74
C ASN A 258 -30.56 -21.02 22.55
N GLY A 259 -30.74 -19.95 23.35
CA GLY A 259 -29.96 -18.75 23.20
C GLY A 259 -30.37 -17.83 22.07
N TYR A 260 -31.56 -18.02 21.50
CA TYR A 260 -31.94 -17.34 20.26
C TYR A 260 -33.10 -16.38 20.50
N ALA A 261 -33.07 -15.26 19.78
CA ALA A 261 -34.19 -14.33 19.75
C ALA A 261 -34.18 -13.62 18.40
N SER A 262 -35.36 -13.43 17.85
CA SER A 262 -35.53 -12.62 16.65
C SER A 262 -36.19 -11.29 17.02
N PHE A 263 -36.16 -10.35 16.08
CA PHE A 263 -36.83 -9.08 16.30
C PHE A 263 -37.20 -8.46 14.96
N LEU A 264 -38.22 -7.60 15.03
CA LEU A 264 -38.74 -6.84 13.90
C LEU A 264 -38.84 -5.39 14.34
N ILE A 265 -38.29 -4.48 13.54
CA ILE A 265 -38.16 -3.09 13.96
C ILE A 265 -38.56 -2.20 12.79
N LYS A 266 -39.52 -1.31 13.03
CA LYS A 266 -39.85 -0.29 12.05
C LYS A 266 -38.88 0.89 12.22
N SER A 267 -38.29 1.32 11.12
CA SER A 267 -37.35 2.42 11.14
C SER A 267 -37.26 2.96 9.72
N LYS A 268 -36.64 4.13 9.57
CA LYS A 268 -36.46 4.74 8.26
C LYS A 268 -34.99 5.11 8.08
N PRO A 269 -34.11 4.11 7.95
CA PRO A 269 -32.69 4.41 7.78
C PRO A 269 -32.41 5.09 6.46
N ILE A 270 -31.38 5.94 6.46
CA ILE A 270 -30.77 6.37 5.20
C ILE A 270 -30.18 5.14 4.53
N LEU A 271 -30.60 4.88 3.30
CA LEU A 271 -30.24 3.63 2.62
C LEU A 271 -28.84 3.71 2.02
N TRP A 272 -28.07 2.64 2.23
CA TRP A 272 -26.71 2.56 1.72
C TRP A 272 -26.70 2.56 0.20
N THR A 273 -25.78 3.33 -0.35
CA THR A 273 -25.61 3.53 -1.78
C THR A 273 -24.11 3.63 -2.06
N PRO A 274 -23.64 3.22 -3.25
CA PRO A 274 -22.24 3.51 -3.60
C PRO A 274 -21.87 4.98 -3.48
N GLU A 275 -22.78 5.88 -3.86
CA GLU A 275 -22.52 7.31 -3.81
C GLU A 275 -22.55 7.85 -2.38
N ASN A 276 -23.36 7.25 -1.51
CA ASN A 276 -23.42 7.62 -0.10
C ASN A 276 -23.45 6.33 0.72
N PRO A 277 -22.28 5.74 0.98
CA PRO A 277 -22.24 4.44 1.70
C PRO A 277 -22.49 4.60 3.20
N LYS A 278 -23.74 4.92 3.52
CA LYS A 278 -24.15 5.19 4.90
C LYS A 278 -24.10 3.92 5.74
N LEU A 279 -23.44 4.01 6.88
CA LEU A 279 -23.37 2.92 7.85
C LEU A 279 -23.82 3.45 9.21
N TYR A 280 -24.45 2.58 9.99
CA TYR A 280 -24.94 2.90 11.32
C TYR A 280 -24.14 2.18 12.41
N ALA A 281 -23.89 2.90 13.51
CA ALA A 281 -23.43 2.26 14.73
C ALA A 281 -24.54 1.39 15.31
N VAL A 282 -24.27 0.09 15.43
CA VAL A 282 -25.22 -0.86 15.99
C VAL A 282 -24.58 -1.48 17.22
N ASN A 283 -25.29 -1.43 18.35
CA ASN A 283 -24.80 -1.91 19.62
C ASN A 283 -25.71 -3.01 20.13
N LEU A 284 -25.13 -4.17 20.39
CA LEU A 284 -25.84 -5.29 20.99
C LEU A 284 -25.30 -5.50 22.39
N ALA A 285 -26.20 -5.70 23.35
CA ALA A 285 -25.79 -5.95 24.72
C ALA A 285 -26.70 -6.99 25.31
N SER A 286 -26.12 -8.04 25.87
CA SER A 286 -26.84 -9.03 26.63
C SER A 286 -26.61 -8.73 28.11
N GLU A 287 -27.04 -9.64 28.98
CA GLU A 287 -26.76 -9.43 30.40
C GLU A 287 -25.28 -9.56 30.70
N THR A 288 -24.55 -10.39 29.95
CA THR A 288 -23.17 -10.71 30.27
C THR A 288 -22.16 -10.35 29.17
N ASP A 289 -22.61 -9.79 28.04
CA ASP A 289 -21.72 -9.54 26.91
C ASP A 289 -22.25 -8.35 26.12
N LYS A 290 -21.37 -7.74 25.34
CA LYS A 290 -21.80 -6.69 24.42
C LYS A 290 -20.78 -6.59 23.29
N VAL A 291 -21.28 -6.18 22.12
CA VAL A 291 -20.46 -6.02 20.92
C VAL A 291 -21.08 -4.90 20.09
N SER A 292 -20.24 -4.14 19.40
CA SER A 292 -20.70 -3.10 18.50
C SER A 292 -20.27 -3.42 17.08
N ASP A 293 -20.97 -2.79 16.12
CA ASP A 293 -20.80 -3.07 14.71
C ASP A 293 -21.17 -1.82 13.92
N GLU A 294 -20.81 -1.82 12.64
CA GLU A 294 -21.22 -0.78 11.71
C GLU A 294 -21.92 -1.46 10.56
N ILE A 295 -23.20 -1.13 10.38
CA ILE A 295 -24.08 -1.88 9.48
C ILE A 295 -24.89 -0.89 8.65
N GLY A 296 -25.01 -1.17 7.35
CA GLY A 296 -25.81 -0.38 6.44
C GLY A 296 -27.04 -1.14 5.98
N PHE A 297 -27.97 -0.39 5.38
CA PHE A 297 -29.29 -0.91 5.05
C PHE A 297 -29.63 -0.58 3.61
N ARG A 298 -30.02 -1.60 2.84
CA ARG A 298 -30.38 -1.38 1.44
C ARG A 298 -31.27 -2.54 1.02
N THR A 299 -32.04 -2.30 -0.03
CA THR A 299 -32.79 -3.37 -0.67
C THR A 299 -32.17 -3.65 -2.04
N ILE A 300 -32.37 -4.87 -2.52
CA ILE A 300 -31.81 -5.29 -3.79
C ILE A 300 -32.73 -6.34 -4.39
N ARG A 301 -33.06 -6.17 -5.68
CA ARG A 301 -33.86 -7.15 -6.40
C ARG A 301 -33.64 -6.96 -7.89
N THR A 302 -34.06 -7.96 -8.66
CA THR A 302 -34.14 -7.85 -10.11
C THR A 302 -35.56 -7.49 -10.53
N GLU A 303 -35.67 -6.92 -11.73
CA GLU A 303 -36.98 -6.62 -12.32
C GLU A 303 -36.81 -6.81 -13.82
N GLY A 304 -37.23 -7.98 -14.32
CA GLY A 304 -36.91 -8.31 -15.71
C GLY A 304 -35.41 -8.27 -15.92
N ILE A 305 -34.93 -7.39 -16.78
CA ILE A 305 -33.50 -7.30 -17.07
C ILE A 305 -32.83 -6.20 -16.26
N LYS A 306 -33.51 -5.67 -15.24
CA LYS A 306 -32.97 -4.58 -14.45
C LYS A 306 -32.57 -5.08 -13.07
N ILE A 307 -31.47 -4.52 -12.56
CA ILE A 307 -31.09 -4.67 -11.17
C ILE A 307 -31.45 -3.38 -10.46
N LEU A 308 -32.17 -3.49 -9.35
CA LEU A 308 -32.69 -2.36 -8.60
C LEU A 308 -32.05 -2.34 -7.22
N LEU A 309 -31.44 -1.22 -6.88
CA LEU A 309 -30.90 -0.97 -5.57
C LEU A 309 -31.75 0.11 -4.94
N ASN A 310 -32.35 -0.19 -3.78
CA ASN A 310 -33.26 0.75 -3.14
C ASN A 310 -34.33 1.22 -4.14
N ASP A 311 -34.83 0.27 -4.94
CA ASP A 311 -35.83 0.48 -5.99
C ASP A 311 -35.28 1.19 -7.22
N LYS A 312 -34.05 1.70 -7.15
CA LYS A 312 -33.51 2.47 -8.28
C LYS A 312 -32.71 1.55 -9.20
N GLU A 313 -32.94 1.68 -10.51
CA GLU A 313 -32.22 0.88 -11.49
C GLU A 313 -30.76 1.32 -11.54
N ILE A 314 -29.84 0.36 -11.45
CA ILE A 314 -28.40 0.63 -11.45
C ILE A 314 -27.71 -0.22 -12.51
N PHE A 315 -26.54 0.25 -12.93
CA PHE A 315 -25.60 -0.58 -13.67
C PHE A 315 -24.43 -0.93 -12.76
N CYS A 316 -24.02 -2.19 -12.77
CA CYS A 316 -22.86 -2.61 -11.97
C CYS A 316 -21.60 -2.32 -12.78
N ARG A 317 -21.03 -1.14 -12.57
CA ARG A 317 -19.76 -0.73 -13.18
C ARG A 317 -18.66 -1.36 -12.33
N GLY A 318 -18.27 -2.59 -12.69
CA GLY A 318 -17.41 -3.41 -11.86
C GLY A 318 -15.99 -3.59 -12.38
N ILE A 319 -15.17 -4.16 -11.52
CA ILE A 319 -13.86 -4.69 -11.89
C ILE A 319 -13.62 -5.92 -11.01
N SER A 320 -13.08 -6.99 -11.58
CA SER A 320 -12.69 -8.15 -10.77
C SER A 320 -11.36 -7.88 -10.04
N ILE A 321 -11.17 -8.58 -8.91
CA ILE A 321 -10.00 -8.40 -8.06
C ILE A 321 -9.65 -9.72 -7.37
N HIS A 322 -8.39 -10.15 -7.50
CA HIS A 322 -7.88 -11.26 -6.69
C HIS A 322 -7.37 -10.75 -5.35
N GLU A 323 -7.24 -11.65 -4.38
CA GLU A 323 -6.80 -11.28 -3.03
C GLU A 323 -5.27 -11.24 -2.99
N GLU A 324 -4.71 -10.28 -3.73
CA GLU A 324 -3.26 -10.20 -3.93
C GLU A 324 -2.80 -8.75 -3.85
N THR A 325 -1.63 -8.54 -3.19
CA THR A 325 -1.27 -7.17 -2.81
C THR A 325 -0.65 -6.39 -3.98
N PRO A 326 -0.84 -5.07 -4.00
CA PRO A 326 -0.04 -4.21 -4.89
C PRO A 326 1.45 -4.36 -4.61
N TYR A 327 2.24 -4.17 -5.68
CA TYR A 327 3.70 -4.05 -5.65
C TYR A 327 4.43 -5.37 -5.44
N TYR A 328 4.12 -6.12 -4.37
CA TYR A 328 4.86 -7.36 -4.13
C TYR A 328 4.05 -8.61 -4.37
N SER A 329 2.74 -8.48 -4.59
CA SER A 329 1.88 -9.57 -5.06
C SER A 329 1.96 -10.80 -4.15
N GLY A 330 1.84 -10.56 -2.84
CA GLY A 330 1.52 -11.60 -1.89
C GLY A 330 0.03 -11.66 -1.60
N ARG A 331 -0.36 -12.57 -0.70
CA ARG A 331 -1.77 -12.66 -0.30
C ARG A 331 -2.15 -11.41 0.49
N ALA A 332 -3.24 -10.75 0.08
CA ALA A 332 -3.71 -9.57 0.80
C ALA A 332 -4.41 -9.96 2.09
N TYR A 333 -4.31 -9.09 3.11
CA TYR A 333 -4.98 -9.34 4.39
C TYR A 333 -5.29 -8.07 5.18
N SER A 334 -4.68 -6.93 4.87
CA SER A 334 -4.83 -5.77 5.73
C SER A 334 -5.73 -4.70 5.11
N LYS A 335 -6.14 -3.77 5.97
CA LYS A 335 -6.87 -2.59 5.52
C LYS A 335 -6.02 -1.76 4.56
N ASP A 336 -4.70 -1.70 4.76
CA ASP A 336 -3.83 -1.02 3.80
C ASP A 336 -3.98 -1.59 2.41
N HIS A 337 -3.85 -2.92 2.27
CA HIS A 337 -3.98 -3.59 0.98
C HIS A 337 -5.33 -3.30 0.33
N ALA A 338 -6.41 -3.46 1.10
CA ALA A 338 -7.74 -3.22 0.57
C ALA A 338 -7.87 -1.78 0.09
N HIS A 339 -7.44 -0.83 0.93
CA HIS A 339 -7.64 0.57 0.56
C HIS A 339 -6.92 0.90 -0.74
N THR A 340 -5.69 0.42 -0.92
CA THR A 340 -4.97 0.73 -2.15
C THR A 340 -5.68 0.16 -3.37
N LEU A 341 -6.02 -1.14 -3.34
CA LEU A 341 -6.73 -1.76 -4.45
C LEU A 341 -8.01 -1.03 -4.77
N LEU A 342 -8.84 -0.79 -3.75
CA LEU A 342 -10.14 -0.16 -4.02
C LEU A 342 -9.99 1.28 -4.47
N SER A 343 -8.89 1.95 -4.09
CA SER A 343 -8.69 3.30 -4.57
C SER A 343 -8.39 3.32 -6.07
N TRP A 344 -7.75 2.26 -6.59
CA TRP A 344 -7.67 2.12 -8.04
C TRP A 344 -9.05 1.89 -8.65
N ALA A 345 -9.87 1.02 -8.03
CA ALA A 345 -11.22 0.77 -8.54
C ALA A 345 -12.07 2.05 -8.52
N LYS A 346 -11.87 2.91 -7.52
CA LYS A 346 -12.59 4.19 -7.46
C LYS A 346 -12.17 5.10 -8.60
N GLU A 347 -10.87 5.26 -8.80
CA GLU A 347 -10.38 6.04 -9.92
C GLU A 347 -10.87 5.49 -11.26
N LEU A 348 -11.00 4.17 -11.37
CA LEU A 348 -11.54 3.55 -12.58
C LEU A 348 -13.00 3.92 -12.84
N GLY A 349 -13.71 4.43 -11.84
CA GLY A 349 -15.11 4.75 -11.99
C GLY A 349 -16.07 3.67 -11.57
N CYS A 350 -15.60 2.67 -10.83
CA CYS A 350 -16.41 1.53 -10.46
C CYS A 350 -17.35 1.88 -9.30
N ASN A 351 -18.51 1.23 -9.30
CA ASN A 351 -19.38 1.16 -8.13
C ASN A 351 -19.51 -0.26 -7.59
N PHE A 352 -18.70 -1.19 -8.09
CA PHE A 352 -18.90 -2.63 -7.92
C PHE A 352 -17.55 -3.32 -8.05
N VAL A 353 -17.28 -4.29 -7.17
CA VAL A 353 -16.09 -5.13 -7.31
C VAL A 353 -16.49 -6.59 -7.21
N ARG A 354 -15.94 -7.41 -8.11
CA ARG A 354 -16.06 -8.86 -8.02
C ARG A 354 -14.83 -9.40 -7.30
N LEU A 355 -15.04 -9.96 -6.13
CA LEU A 355 -13.96 -10.55 -5.35
C LEU A 355 -13.87 -12.02 -5.73
N ALA A 356 -12.94 -12.33 -6.64
CA ALA A 356 -12.72 -13.67 -7.17
C ALA A 356 -11.53 -14.32 -6.46
N HIS A 357 -11.48 -15.66 -6.45
CA HIS A 357 -12.56 -16.61 -6.75
C HIS A 357 -12.95 -17.39 -5.48
N TYR A 358 -12.96 -16.70 -4.36
CA TYR A 358 -13.05 -17.28 -3.02
C TYR A 358 -13.37 -16.14 -2.07
N PRO A 359 -13.84 -16.43 -0.86
CA PRO A 359 -13.99 -15.35 0.13
C PRO A 359 -12.68 -14.63 0.35
N HIS A 360 -12.72 -13.29 0.25
CA HIS A 360 -11.56 -12.49 0.62
C HIS A 360 -11.57 -12.23 2.12
N ASN A 361 -10.44 -11.73 2.60
CA ASN A 361 -10.32 -11.33 4.00
C ASN A 361 -11.36 -10.28 4.33
N GLU A 362 -11.69 -10.19 5.62
CA GLU A 362 -12.78 -9.32 6.04
C GLU A 362 -12.43 -7.85 5.86
N GLU A 363 -11.14 -7.49 5.94
CA GLU A 363 -10.75 -6.10 5.73
C GLU A 363 -11.12 -5.61 4.34
N MET A 364 -11.01 -6.47 3.33
CA MET A 364 -11.37 -6.10 1.96
C MET A 364 -12.87 -5.82 1.85
N VAL A 365 -13.69 -6.73 2.38
CA VAL A 365 -15.13 -6.56 2.30
C VAL A 365 -15.58 -5.33 3.06
N ARG A 366 -14.98 -5.09 4.25
CA ARG A 366 -15.34 -3.92 5.05
C ARG A 366 -14.89 -2.63 4.40
N GLU A 367 -13.72 -2.63 3.74
CA GLU A 367 -13.27 -1.40 3.10
C GLU A 367 -14.13 -1.08 1.88
N ALA A 368 -14.52 -2.11 1.11
CA ALA A 368 -15.48 -1.89 0.03
C ALA A 368 -16.80 -1.35 0.59
N GLU A 369 -17.23 -1.88 1.73
CA GLU A 369 -18.44 -1.40 2.37
C GLU A 369 -18.37 0.09 2.66
N ARG A 370 -17.26 0.54 3.23
CA ARG A 370 -17.22 1.93 3.66
C ARG A 370 -16.88 2.89 2.53
N MET A 371 -16.21 2.43 1.48
CA MET A 371 -15.88 3.32 0.38
C MET A 371 -16.98 3.40 -0.67
N GLY A 372 -17.96 2.49 -0.62
CA GLY A 372 -19.08 2.50 -1.54
C GLY A 372 -18.95 1.58 -2.75
N PHE A 373 -18.56 0.32 -2.54
CA PHE A 373 -18.46 -0.66 -3.62
C PHE A 373 -19.42 -1.81 -3.35
N LEU A 374 -20.36 -2.01 -4.26
CA LEU A 374 -21.13 -3.25 -4.24
C LEU A 374 -20.20 -4.44 -4.46
N VAL A 375 -20.57 -5.59 -3.94
CA VAL A 375 -19.64 -6.72 -3.92
C VAL A 375 -20.29 -7.97 -4.49
N TRP A 376 -19.54 -8.68 -5.32
N TRP A 376 -19.50 -8.67 -5.30
CA TRP A 376 -19.85 -10.06 -5.69
CA TRP A 376 -19.71 -10.04 -5.75
C TRP A 376 -18.89 -10.95 -4.91
C TRP A 376 -18.84 -10.94 -4.88
N SER A 377 -19.44 -11.88 -4.14
CA SER A 377 -18.68 -12.75 -3.25
C SER A 377 -18.86 -14.20 -3.66
N GLU A 378 -17.75 -14.96 -3.67
CA GLU A 378 -17.66 -16.22 -4.39
C GLU A 378 -16.94 -17.28 -3.56
N ILE A 379 -17.26 -18.55 -3.82
CA ILE A 379 -16.54 -19.71 -3.27
C ILE A 379 -15.82 -20.42 -4.41
N PRO A 380 -14.66 -21.10 -4.16
CA PRO A 380 -13.82 -21.63 -5.24
C PRO A 380 -14.27 -22.98 -5.81
N VAL A 381 -15.55 -23.09 -6.12
CA VAL A 381 -16.08 -24.19 -6.92
C VAL A 381 -15.74 -23.90 -8.39
N TYR A 382 -14.53 -24.29 -8.79
CA TYR A 382 -13.83 -23.69 -9.93
C TYR A 382 -13.32 -24.80 -10.85
N TRP A 383 -13.71 -24.74 -12.12
CA TRP A 383 -13.28 -25.70 -13.15
C TRP A 383 -13.73 -27.11 -12.75
N THR A 384 -12.82 -28.10 -12.68
CA THR A 384 -13.19 -29.52 -12.74
C THR A 384 -13.36 -30.13 -11.34
N ILE A 385 -14.29 -29.54 -10.57
CA ILE A 385 -14.61 -30.06 -9.25
C ILE A 385 -15.17 -31.48 -9.37
N HIS A 386 -14.90 -32.32 -8.36
CA HIS A 386 -15.37 -33.71 -8.39
C HIS A 386 -16.83 -33.78 -7.97
N TRP A 387 -17.72 -33.63 -8.96
CA TRP A 387 -19.14 -33.46 -8.68
C TRP A 387 -19.77 -34.69 -8.01
N GLU A 388 -19.19 -35.87 -8.20
CA GLU A 388 -19.73 -37.12 -7.67
C GLU A 388 -19.21 -37.46 -6.28
N ASN A 389 -18.31 -36.67 -5.73
CA ASN A 389 -17.72 -36.97 -4.44
C ASN A 389 -18.52 -36.26 -3.36
N LYS A 390 -19.09 -37.04 -2.43
CA LYS A 390 -19.92 -36.45 -1.38
C LYS A 390 -19.10 -35.60 -0.42
N ASP A 391 -17.88 -36.01 -0.10
CA ASP A 391 -17.02 -35.17 0.73
C ASP A 391 -16.73 -33.85 0.03
N THR A 392 -16.48 -33.88 -1.27
CA THR A 392 -16.29 -32.65 -2.03
C THR A 392 -17.51 -31.74 -1.91
N TYR A 393 -18.72 -32.31 -2.01
CA TYR A 393 -19.91 -31.47 -1.87
C TYR A 393 -19.98 -30.84 -0.48
N GLN A 394 -19.77 -31.64 0.57
CA GLN A 394 -19.84 -31.11 1.93
C GLN A 394 -18.85 -29.98 2.15
N ASN A 395 -17.65 -30.12 1.58
CA ASN A 395 -16.65 -29.07 1.69
C ASN A 395 -17.13 -27.80 0.99
N ALA A 396 -17.59 -27.92 -0.26
CA ALA A 396 -18.14 -26.75 -0.96
C ALA A 396 -19.28 -26.12 -0.16
N GLU A 397 -20.19 -26.95 0.37
CA GLU A 397 -21.32 -26.38 1.09
C GLU A 397 -20.88 -25.71 2.38
N GLN A 398 -19.89 -26.30 3.06
CA GLN A 398 -19.37 -25.70 4.28
C GLN A 398 -18.73 -24.34 3.97
N GLN A 399 -18.01 -24.25 2.87
CA GLN A 399 -17.44 -22.97 2.48
C GLN A 399 -18.54 -21.97 2.16
N LEU A 400 -19.62 -22.43 1.50
CA LEU A 400 -20.75 -21.55 1.23
C LEU A 400 -21.35 -21.01 2.52
N CYS A 401 -21.64 -21.92 3.46
CA CYS A 401 -22.21 -21.49 4.74
C CYS A 401 -21.30 -20.54 5.46
N ASP A 402 -19.99 -20.85 5.49
CA ASP A 402 -19.03 -20.00 6.20
C ASP A 402 -18.91 -18.64 5.52
N MET A 403 -18.86 -18.60 4.19
CA MET A 403 -18.84 -17.30 3.50
C MET A 403 -20.04 -16.44 3.91
N ILE A 404 -21.25 -16.98 3.78
CA ILE A 404 -22.44 -16.19 4.08
C ILE A 404 -22.49 -15.83 5.57
N ALA A 405 -22.14 -16.77 6.46
CA ALA A 405 -22.26 -16.49 7.89
C ALA A 405 -21.37 -15.34 8.32
N ARG A 406 -20.14 -15.28 7.81
CA ARG A 406 -19.23 -14.20 8.20
C ARG A 406 -19.75 -12.84 7.72
N ASP A 407 -20.30 -12.78 6.51
CA ASP A 407 -20.56 -11.47 5.88
C ASP A 407 -22.04 -11.17 5.67
N LYS A 408 -22.93 -11.90 6.34
CA LYS A 408 -24.36 -11.69 6.10
C LYS A 408 -24.83 -10.27 6.40
N ASN A 409 -24.11 -9.53 7.27
CA ASN A 409 -24.48 -8.17 7.63
C ASN A 409 -23.77 -7.10 6.81
N ARG A 410 -23.02 -7.49 5.78
CA ARG A 410 -22.35 -6.52 4.91
C ARG A 410 -23.31 -6.15 3.78
N CYS A 411 -23.97 -5.00 3.91
CA CYS A 411 -25.03 -4.65 2.97
C CYS A 411 -24.50 -4.43 1.57
N ASN A 412 -23.20 -4.13 1.42
CA ASN A 412 -22.63 -3.89 0.10
C ASN A 412 -22.58 -5.16 -0.73
N ILE A 413 -22.64 -6.34 -0.11
CA ILE A 413 -22.68 -7.59 -0.87
C ILE A 413 -24.09 -7.78 -1.41
N ILE A 414 -24.22 -7.90 -2.72
CA ILE A 414 -25.52 -8.14 -3.35
C ILE A 414 -25.55 -9.42 -4.19
N ILE A 415 -24.41 -10.07 -4.44
CA ILE A 415 -24.39 -11.33 -5.19
C ILE A 415 -23.50 -12.36 -4.48
N TRP A 416 -24.08 -13.53 -4.20
CA TRP A 416 -23.32 -14.72 -3.82
C TRP A 416 -23.11 -15.57 -5.06
N SER A 417 -21.87 -15.98 -5.31
CA SER A 417 -21.55 -16.76 -6.49
C SER A 417 -21.11 -18.15 -6.07
N ILE A 418 -21.66 -19.18 -6.73
CA ILE A 418 -21.47 -20.55 -6.29
C ILE A 418 -20.51 -21.34 -7.17
N ALA A 419 -20.02 -20.76 -8.27
CA ALA A 419 -19.21 -21.53 -9.20
C ALA A 419 -18.56 -20.59 -10.21
N ASN A 420 -17.52 -21.09 -10.87
CA ASN A 420 -16.83 -20.35 -11.93
C ASN A 420 -16.34 -21.33 -12.99
N GLU A 421 -16.85 -21.20 -14.21
CA GLU A 421 -16.36 -21.91 -15.40
C GLU A 421 -16.31 -23.43 -15.17
N THR A 422 -17.46 -23.98 -14.81
CA THR A 422 -17.52 -25.39 -14.55
C THR A 422 -18.12 -26.12 -15.75
N PRO A 423 -17.60 -27.29 -16.11
CA PRO A 423 -18.12 -27.99 -17.29
C PRO A 423 -19.52 -28.54 -17.07
N HIS A 424 -20.27 -28.63 -18.16
CA HIS A 424 -21.66 -29.05 -18.11
C HIS A 424 -21.75 -30.56 -17.96
N SER A 425 -22.50 -31.01 -16.97
CA SER A 425 -22.81 -32.43 -16.82
C SER A 425 -23.97 -32.51 -15.85
N LYS A 426 -24.68 -33.64 -15.92
CA LYS A 426 -25.80 -33.86 -15.03
C LYS A 426 -25.38 -33.74 -13.57
N THR A 427 -24.32 -34.46 -13.18
CA THR A 427 -23.88 -34.44 -11.78
C THR A 427 -23.40 -33.05 -11.37
N ARG A 428 -22.76 -32.32 -12.28
CA ARG A 428 -22.38 -30.94 -11.98
C ARG A 428 -23.61 -30.09 -11.70
N LEU A 429 -24.65 -30.24 -12.54
CA LEU A 429 -25.86 -29.45 -12.34
C LEU A 429 -26.49 -29.75 -10.99
N THR A 430 -26.55 -31.04 -10.61
CA THR A 430 -27.10 -31.43 -9.32
C THR A 430 -26.33 -30.78 -8.17
N PHE A 431 -25.00 -30.87 -8.25
CA PHE A 431 -24.10 -30.28 -7.25
C PHE A 431 -24.37 -28.79 -7.09
N LEU A 432 -24.37 -28.05 -8.19
CA LEU A 432 -24.59 -26.61 -8.12
C LEU A 432 -26.03 -26.26 -7.74
N SER A 433 -27.01 -27.08 -8.14
CA SER A 433 -28.39 -26.83 -7.73
C SER A 433 -28.53 -26.94 -6.22
N ASN A 434 -27.87 -27.93 -5.62
CA ASN A 434 -27.90 -28.06 -4.17
C ASN A 434 -27.24 -26.86 -3.48
N LEU A 435 -26.16 -26.33 -4.05
CA LEU A 435 -25.55 -25.13 -3.48
C LEU A 435 -26.48 -23.92 -3.63
N ALA A 436 -27.08 -23.76 -4.82
CA ALA A 436 -28.00 -22.64 -5.02
C ALA A 436 -29.16 -22.69 -4.01
N ASN A 437 -29.72 -23.88 -3.81
CA ASN A 437 -30.81 -24.03 -2.84
C ASN A 437 -30.34 -23.72 -1.42
N LYS A 438 -29.14 -24.19 -1.07
CA LYS A 438 -28.58 -23.89 0.25
C LYS A 438 -28.39 -22.39 0.44
N ALA A 439 -27.77 -21.74 -0.55
CA ALA A 439 -27.61 -20.28 -0.50
C ALA A 439 -28.94 -19.58 -0.25
N ARG A 440 -29.97 -19.89 -1.06
CA ARG A 440 -31.25 -19.22 -0.88
C ARG A 440 -31.86 -19.53 0.48
N SER A 441 -31.66 -20.75 0.99
CA SER A 441 -32.20 -21.06 2.31
C SER A 441 -31.48 -20.29 3.42
N LEU A 442 -30.25 -19.82 3.18
CA LEU A 442 -29.52 -19.05 4.18
C LEU A 442 -29.72 -17.54 4.03
N ASP A 443 -30.07 -17.08 2.84
CA ASP A 443 -30.13 -15.64 2.57
C ASP A 443 -31.21 -15.44 1.51
N SER A 444 -32.38 -15.00 1.94
CA SER A 444 -33.47 -14.77 1.01
C SER A 444 -33.36 -13.42 0.30
N VAL A 445 -32.37 -12.59 0.64
CA VAL A 445 -32.30 -11.24 0.12
C VAL A 445 -31.38 -11.14 -1.10
N ARG A 446 -30.12 -11.57 -0.95
CA ARG A 446 -29.12 -11.30 -1.97
C ARG A 446 -29.34 -12.15 -3.21
N LEU A 447 -28.79 -11.70 -4.33
CA LEU A 447 -28.89 -12.43 -5.60
C LEU A 447 -27.92 -13.60 -5.63
N ILE A 448 -28.34 -14.69 -6.30
CA ILE A 448 -27.49 -15.86 -6.50
C ILE A 448 -26.93 -15.83 -7.91
N GLY A 449 -25.60 -15.95 -8.03
CA GLY A 449 -24.93 -15.97 -9.31
C GLY A 449 -23.97 -17.13 -9.41
N ALA A 450 -23.33 -17.23 -10.57
CA ALA A 450 -22.29 -18.18 -10.92
C ALA A 450 -21.78 -17.79 -12.30
N ALA A 451 -20.45 -17.79 -12.47
CA ALA A 451 -19.85 -17.42 -13.75
C ALA A 451 -20.02 -18.59 -14.71
N MET A 452 -20.98 -18.48 -15.61
CA MET A 452 -21.16 -19.45 -16.69
C MET A 452 -20.24 -19.06 -17.86
N GLU A 453 -20.43 -19.70 -19.01
CA GLU A 453 -19.60 -19.48 -20.18
C GLU A 453 -20.49 -19.37 -21.41
N LYS A 454 -19.95 -18.77 -22.46
CA LYS A 454 -20.74 -18.44 -23.64
C LYS A 454 -20.60 -19.53 -24.70
N GLU A 455 -21.48 -19.45 -25.70
CA GLU A 455 -21.55 -20.47 -26.73
C GLU A 455 -21.88 -19.81 -28.08
N GLU A 456 -21.16 -20.21 -29.13
CA GLU A 456 -21.42 -19.70 -30.48
C GLU A 456 -22.34 -20.71 -31.15
N VAL A 457 -23.65 -20.49 -30.99
CA VAL A 457 -24.65 -21.47 -31.41
C VAL A 457 -24.78 -21.49 -32.94
N GLN A 458 -24.84 -20.33 -33.56
CA GLN A 458 -24.66 -20.19 -35.00
C GLN A 458 -23.45 -19.29 -35.25
N PRO A 459 -22.77 -19.45 -36.39
CA PRO A 459 -21.64 -18.56 -36.68
C PRO A 459 -22.03 -17.10 -36.56
N GLY A 460 -21.28 -16.37 -35.75
CA GLY A 460 -21.53 -14.97 -35.49
C GLY A 460 -22.58 -14.68 -34.44
N VAL A 461 -23.21 -15.70 -33.86
CA VAL A 461 -24.25 -15.52 -32.85
C VAL A 461 -23.80 -16.19 -31.55
N LEU A 462 -23.77 -15.40 -30.47
CA LEU A 462 -23.26 -15.84 -29.18
C LEU A 462 -24.38 -15.82 -28.14
N THR A 463 -24.42 -16.83 -27.28
CA THR A 463 -25.36 -16.81 -26.17
C THR A 463 -24.81 -17.66 -25.03
N VAL A 464 -25.57 -17.72 -23.95
CA VAL A 464 -25.31 -18.61 -22.83
C VAL A 464 -26.39 -19.69 -22.86
N ASN A 465 -25.98 -20.92 -23.10
CA ASN A 465 -26.86 -22.09 -23.16
C ASN A 465 -26.39 -23.07 -22.08
N ASP A 466 -26.74 -22.77 -20.82
CA ASP A 466 -26.32 -23.58 -19.70
C ASP A 466 -27.53 -23.73 -18.78
N PRO A 467 -28.02 -24.95 -18.53
CA PRO A 467 -29.22 -25.09 -17.70
C PRO A 467 -29.03 -24.61 -16.28
N LEU A 468 -27.79 -24.35 -15.84
CA LEU A 468 -27.57 -23.71 -14.55
C LEU A 468 -28.25 -22.34 -14.48
N GLY A 469 -28.41 -21.65 -15.62
CA GLY A 469 -29.00 -20.32 -15.61
C GLY A 469 -30.39 -20.26 -14.98
N GLU A 470 -31.15 -21.35 -15.07
CA GLU A 470 -32.48 -21.37 -14.46
C GLU A 470 -32.41 -21.23 -12.95
N LEU A 471 -31.31 -21.64 -12.33
CA LEU A 471 -31.17 -21.55 -10.89
C LEU A 471 -30.62 -20.21 -10.40
N LEU A 472 -30.18 -19.31 -11.30
CA LEU A 472 -29.57 -18.05 -10.93
C LEU A 472 -30.51 -16.87 -11.17
N ASP A 473 -30.34 -15.81 -10.39
CA ASP A 473 -31.10 -14.59 -10.57
C ASP A 473 -30.60 -13.71 -11.70
N ILE A 474 -29.39 -13.98 -12.22
CA ILE A 474 -28.80 -13.19 -13.29
C ILE A 474 -28.15 -14.16 -14.28
N ILE A 475 -28.03 -13.70 -15.53
CA ILE A 475 -27.29 -14.47 -16.56
C ILE A 475 -25.84 -13.99 -16.50
N SER A 476 -25.09 -14.56 -15.55
CA SER A 476 -23.70 -14.16 -15.32
C SER A 476 -22.76 -15.11 -16.03
N PHE A 477 -21.83 -14.57 -16.81
CA PHE A 477 -20.94 -15.44 -17.56
C PHE A 477 -19.67 -14.70 -17.95
N ASN A 478 -18.64 -15.49 -18.26
CA ASN A 478 -17.33 -15.03 -18.70
C ASN A 478 -17.23 -15.12 -20.22
N GLU A 479 -16.66 -14.11 -20.86
CA GLU A 479 -16.43 -14.17 -22.30
C GLU A 479 -15.18 -13.36 -22.63
N TYR A 480 -14.41 -13.85 -23.59
CA TYR A 480 -13.11 -13.33 -23.97
C TYR A 480 -13.02 -13.18 -25.49
N VAL A 481 -14.10 -12.68 -26.10
CA VAL A 481 -14.04 -12.26 -27.51
C VAL A 481 -12.97 -11.20 -27.66
N GLY A 482 -12.15 -11.34 -28.70
CA GLY A 482 -11.05 -10.44 -28.94
C GLY A 482 -9.73 -10.84 -28.29
N TRP A 483 -9.72 -11.85 -27.43
CA TRP A 483 -8.48 -12.33 -26.82
C TRP A 483 -8.30 -13.83 -27.05
N TYR A 484 -9.08 -14.65 -26.34
CA TYR A 484 -9.04 -16.09 -26.61
C TYR A 484 -9.85 -16.44 -27.85
N ASP A 485 -10.94 -15.71 -28.11
CA ASP A 485 -11.88 -16.00 -29.18
C ASP A 485 -11.72 -14.91 -30.23
N GLY A 486 -10.87 -15.16 -31.22
CA GLY A 486 -10.55 -14.18 -32.25
C GLY A 486 -9.59 -13.09 -31.77
N ASP A 487 -9.11 -12.31 -32.75
CA ASP A 487 -8.47 -11.03 -32.52
C ASP A 487 -9.52 -9.97 -32.18
N SER A 488 -9.06 -8.76 -31.83
CA SER A 488 -9.98 -7.69 -31.44
C SER A 488 -11.09 -7.45 -32.47
N GLU A 489 -10.79 -7.64 -33.77
CA GLU A 489 -11.81 -7.44 -34.81
C GLU A 489 -13.08 -8.24 -34.56
N LYS A 490 -12.96 -9.44 -33.95
CA LYS A 490 -14.14 -10.27 -33.79
C LYS A 490 -15.20 -9.56 -32.96
N CYS A 491 -14.77 -8.68 -32.03
CA CYS A 491 -15.71 -7.88 -31.25
C CYS A 491 -16.61 -7.05 -32.14
N ASP A 492 -16.12 -6.67 -33.32
CA ASP A 492 -16.88 -5.82 -34.22
C ASP A 492 -17.94 -6.59 -35.02
N ARG A 493 -17.83 -7.92 -35.11
CA ARG A 493 -18.72 -8.62 -36.04
C ARG A 493 -19.71 -9.58 -35.40
N VAL A 494 -19.62 -9.84 -34.10
CA VAL A 494 -20.49 -10.86 -33.49
C VAL A 494 -21.71 -10.20 -32.89
N ASN A 495 -22.80 -10.98 -32.80
CA ASN A 495 -24.02 -10.53 -32.13
C ASN A 495 -24.40 -11.50 -31.02
N TRP A 496 -25.06 -10.97 -30.00
CA TRP A 496 -25.50 -11.71 -28.83
C TRP A 496 -27.02 -11.79 -28.81
N THR A 497 -27.53 -12.92 -28.30
CA THR A 497 -28.96 -13.08 -28.05
C THR A 497 -29.15 -13.88 -26.77
N PHE A 498 -30.25 -13.62 -26.06
CA PHE A 498 -30.56 -14.33 -24.84
C PHE A 498 -32.04 -14.66 -24.80
N ASP A 499 -32.35 -15.90 -24.39
CA ASP A 499 -33.72 -16.40 -24.42
C ASP A 499 -34.55 -15.97 -23.22
N THR A 500 -33.94 -15.75 -22.06
CA THR A 500 -34.68 -15.35 -20.88
C THR A 500 -34.52 -13.85 -20.63
N GLN A 501 -35.37 -13.33 -19.76
CA GLN A 501 -35.35 -11.92 -19.38
C GLN A 501 -34.92 -11.81 -17.92
N LYS A 502 -33.65 -12.09 -17.71
CA LYS A 502 -32.93 -11.83 -16.48
C LYS A 502 -31.82 -10.85 -16.78
N PRO A 503 -31.35 -10.09 -15.79
CA PRO A 503 -30.22 -9.20 -16.05
C PRO A 503 -29.01 -10.01 -16.52
N VAL A 504 -28.36 -9.50 -17.55
CA VAL A 504 -27.14 -10.09 -18.09
C VAL A 504 -25.95 -9.43 -17.40
N PHE A 505 -25.02 -10.26 -16.94
CA PHE A 505 -23.90 -9.77 -16.14
C PHE A 505 -22.65 -10.46 -16.67
N ILE A 506 -21.72 -9.71 -17.23
CA ILE A 506 -20.51 -10.29 -17.78
C ILE A 506 -19.44 -10.21 -16.69
N SER A 507 -19.09 -11.37 -16.14
CA SER A 507 -18.28 -11.41 -14.93
C SER A 507 -16.79 -11.48 -15.22
N GLU A 508 -16.40 -11.74 -16.47
CA GLU A 508 -15.02 -11.64 -16.91
C GLU A 508 -15.01 -11.27 -18.38
N LEU A 509 -14.03 -10.45 -18.77
CA LEU A 509 -13.69 -10.12 -20.14
C LEU A 509 -12.36 -9.36 -20.10
N GLY A 510 -11.69 -9.29 -21.26
CA GLY A 510 -10.49 -8.46 -21.34
C GLY A 510 -9.36 -9.18 -22.05
N GLY A 511 -8.14 -8.72 -21.79
CA GLY A 511 -6.95 -9.24 -22.44
C GLY A 511 -5.67 -8.77 -21.76
N GLY A 512 -4.57 -9.38 -22.16
CA GLY A 512 -3.30 -9.19 -21.48
C GLY A 512 -2.41 -8.13 -22.11
N ALA A 513 -1.63 -7.46 -21.27
CA ALA A 513 -0.65 -6.47 -21.72
C ALA A 513 0.36 -6.25 -20.60
N LEU A 514 1.62 -6.08 -20.97
CA LEU A 514 2.67 -5.71 -20.02
C LEU A 514 2.82 -4.19 -20.00
N TYR A 515 2.73 -3.59 -18.81
CA TYR A 515 2.91 -2.14 -18.73
C TYR A 515 4.29 -1.75 -19.23
N GLY A 516 4.34 -0.71 -20.08
CA GLY A 516 5.58 -0.24 -20.65
C GLY A 516 6.01 -0.98 -21.90
N HIS A 517 5.25 -1.98 -22.33
CA HIS A 517 5.54 -2.75 -23.54
C HIS A 517 4.62 -2.20 -24.64
N HIS A 518 5.22 -1.51 -25.62
CA HIS A 518 4.44 -0.79 -26.62
C HIS A 518 4.70 -1.36 -28.01
N GLY A 519 3.71 -1.23 -28.87
CA GLY A 519 3.90 -1.60 -30.26
C GLY A 519 2.64 -1.35 -31.06
N SER A 520 2.51 -2.09 -32.17
CA SER A 520 1.34 -1.95 -33.01
C SER A 520 0.10 -2.41 -32.25
N PRO A 521 -1.07 -1.82 -32.53
CA PRO A 521 -2.30 -2.32 -31.92
C PRO A 521 -2.62 -3.75 -32.33
N LYS A 522 -1.96 -4.31 -33.33
CA LYS A 522 -2.14 -5.71 -33.68
C LYS A 522 -1.15 -6.64 -32.98
N GLU A 523 -0.22 -6.13 -32.15
CA GLU A 523 0.74 -6.97 -31.47
C GLU A 523 0.22 -7.30 -30.07
N ARG A 524 -0.16 -8.56 -29.86
CA ARG A 524 -0.65 -8.99 -28.56
C ARG A 524 0.40 -8.79 -27.47
N PHE A 525 -0.09 -8.42 -26.27
CA PHE A 525 0.61 -8.13 -25.02
C PHE A 525 1.20 -6.73 -24.97
N THR A 526 1.09 -5.94 -26.04
CA THR A 526 1.33 -4.50 -25.94
C THR A 526 0.15 -3.80 -25.28
N GLU A 527 0.43 -2.65 -24.66
CA GLU A 527 -0.66 -1.80 -24.17
C GLU A 527 -1.59 -1.40 -25.30
N GLU A 528 -1.06 -1.21 -26.52
CA GLU A 528 -1.89 -0.75 -27.64
C GLU A 528 -2.89 -1.82 -28.06
N TYR A 529 -2.47 -3.10 -28.17
CA TYR A 529 -3.43 -4.17 -28.41
C TYR A 529 -4.52 -4.18 -27.34
N GLN A 530 -4.12 -4.13 -26.07
CA GLN A 530 -5.12 -4.17 -25.01
C GLN A 530 -6.05 -2.96 -25.07
N GLU A 531 -5.52 -1.81 -25.48
CA GLU A 531 -6.35 -0.62 -25.60
C GLU A 531 -7.35 -0.76 -26.75
N ASP A 532 -6.84 -1.17 -27.92
CA ASP A 532 -7.70 -1.40 -29.06
C ASP A 532 -8.77 -2.44 -28.75
N LEU A 533 -8.37 -3.52 -28.07
CA LEU A 533 -9.32 -4.54 -27.63
C LEU A 533 -10.43 -3.96 -26.78
N TYR A 534 -10.07 -3.15 -25.77
CA TYR A 534 -11.11 -2.58 -24.91
C TYR A 534 -12.00 -1.60 -25.66
N ILE A 535 -11.47 -0.86 -26.64
CA ILE A 535 -12.32 0.05 -27.39
C ILE A 535 -13.37 -0.72 -28.15
N ARG A 536 -12.93 -1.75 -28.90
CA ARG A 536 -13.85 -2.56 -29.68
C ARG A 536 -14.77 -3.37 -28.79
N HIS A 537 -14.25 -3.86 -27.65
CA HIS A 537 -15.04 -4.71 -26.78
C HIS A 537 -16.11 -3.90 -26.07
N VAL A 538 -15.77 -2.68 -25.62
CA VAL A 538 -16.78 -1.83 -25.00
C VAL A 538 -17.91 -1.51 -25.99
N ASN A 539 -17.57 -1.30 -27.26
CA ASN A 539 -18.62 -1.09 -28.26
C ASN A 539 -19.53 -2.30 -28.38
N MET A 540 -18.95 -3.50 -28.32
CA MET A 540 -19.77 -4.71 -28.36
C MET A 540 -20.70 -4.80 -27.15
N LEU A 541 -20.21 -4.40 -25.97
CA LEU A 541 -21.04 -4.45 -24.77
C LEU A 541 -22.30 -3.60 -24.92
N LYS A 542 -22.24 -2.52 -25.71
CA LYS A 542 -23.37 -1.61 -25.84
C LYS A 542 -24.54 -2.25 -26.58
N ARG A 543 -24.28 -3.31 -27.35
CA ARG A 543 -25.32 -3.99 -28.11
C ARG A 543 -25.64 -5.37 -27.56
N ILE A 544 -25.28 -5.64 -26.31
CA ILE A 544 -25.66 -6.87 -25.63
C ILE A 544 -26.99 -6.62 -24.92
N PRO A 545 -28.10 -7.19 -25.40
CA PRO A 545 -29.41 -6.88 -24.80
C PRO A 545 -29.48 -7.38 -23.35
N GLY A 546 -29.97 -6.53 -22.46
CA GLY A 546 -30.12 -6.87 -21.06
C GLY A 546 -28.91 -6.68 -20.17
N LEU A 547 -27.81 -6.14 -20.70
CA LEU A 547 -26.58 -6.00 -19.90
C LEU A 547 -26.80 -5.04 -18.74
N ALA A 548 -26.55 -5.54 -17.53
CA ALA A 548 -26.70 -4.75 -16.31
C ALA A 548 -25.42 -4.71 -15.48
N GLY A 549 -24.35 -5.36 -15.94
CA GLY A 549 -23.14 -5.38 -15.14
C GLY A 549 -21.95 -5.93 -15.87
N THR A 550 -20.77 -5.40 -15.55
CA THR A 550 -19.51 -5.92 -16.09
C THR A 550 -18.46 -5.84 -14.99
N THR A 551 -17.73 -6.92 -14.79
CA THR A 551 -16.55 -6.93 -13.93
C THR A 551 -15.39 -7.48 -14.74
N PRO A 552 -14.77 -6.66 -15.60
CA PRO A 552 -13.70 -7.16 -16.46
C PRO A 552 -12.56 -7.77 -15.66
N TRP A 553 -11.86 -8.68 -16.30
CA TRP A 553 -10.73 -9.39 -15.76
C TRP A 553 -9.47 -8.69 -16.29
N ILE A 554 -8.77 -7.90 -15.44
CA ILE A 554 -8.91 -7.87 -13.99
C ILE A 554 -8.36 -6.52 -13.52
N LEU A 555 -8.48 -6.18 -12.25
CA LEU A 555 -7.95 -4.89 -11.79
C LEU A 555 -6.42 -4.87 -11.85
N LYS A 556 -5.76 -5.85 -11.21
CA LYS A 556 -4.30 -5.86 -11.06
C LYS A 556 -3.73 -7.17 -11.57
N ASP A 557 -2.68 -7.11 -12.41
CA ASP A 557 -1.89 -8.30 -12.75
C ASP A 557 -1.65 -9.13 -11.50
N PHE A 558 -1.83 -10.45 -11.61
CA PHE A 558 -1.68 -11.31 -10.44
C PHE A 558 -0.90 -12.58 -10.82
N ARG A 559 -0.39 -13.27 -9.80
CA ARG A 559 0.42 -14.45 -10.05
C ARG A 559 -0.43 -15.61 -10.52
N SER A 560 0.04 -16.30 -11.58
CA SER A 560 -0.57 -17.54 -12.06
C SER A 560 0.51 -18.46 -12.63
N PRO A 561 0.58 -19.72 -12.24
CA PRO A 561 1.55 -20.64 -12.83
C PRO A 561 1.15 -21.18 -14.19
N ARG A 562 0.15 -20.60 -14.84
CA ARG A 562 -0.20 -21.00 -16.20
C ARG A 562 0.22 -19.96 -17.24
N ARG A 563 0.98 -18.92 -16.84
CA ARG A 563 1.34 -17.80 -17.70
C ARG A 563 2.85 -17.76 -17.84
N HIS A 564 3.36 -18.25 -18.97
CA HIS A 564 4.77 -18.60 -19.08
C HIS A 564 5.53 -17.85 -20.16
N VAL A 565 4.95 -16.83 -20.80
CA VAL A 565 5.71 -16.06 -21.78
C VAL A 565 6.82 -15.31 -21.05
N PRO A 566 8.10 -15.60 -21.32
CA PRO A 566 9.17 -14.92 -20.61
C PRO A 566 9.19 -13.44 -20.94
N GLU A 567 9.51 -12.64 -19.92
CA GLU A 567 9.65 -11.18 -19.99
C GLU A 567 8.32 -10.46 -20.28
N ILE A 568 7.24 -11.19 -20.51
CA ILE A 568 5.91 -10.60 -20.70
C ILE A 568 4.97 -11.01 -19.57
N GLN A 569 4.75 -12.32 -19.41
CA GLN A 569 3.98 -12.79 -18.27
C GLN A 569 4.85 -13.07 -17.04
N ASP A 570 5.93 -13.83 -17.20
CA ASP A 570 6.80 -14.21 -16.08
C ASP A 570 5.99 -14.67 -14.87
N ASP A 571 5.10 -15.64 -15.10
CA ASP A 571 4.21 -16.20 -14.05
C ASP A 571 3.20 -15.19 -13.53
N PHE A 572 2.84 -14.19 -14.32
CA PHE A 572 1.75 -13.29 -13.99
C PHE A 572 0.71 -13.34 -15.10
N ASN A 573 -0.56 -13.43 -14.69
CA ASN A 573 -1.65 -13.08 -15.58
C ASN A 573 -1.60 -11.57 -15.82
N ARG A 574 -1.52 -11.15 -17.09
CA ARG A 574 -1.28 -9.75 -17.44
C ARG A 574 -2.54 -9.01 -17.86
N LYS A 575 -3.71 -9.52 -17.48
CA LYS A 575 -4.95 -8.88 -17.90
C LYS A 575 -5.34 -7.73 -16.98
N GLY A 576 -4.45 -7.32 -16.08
CA GLY A 576 -4.74 -6.15 -15.27
C GLY A 576 -4.95 -4.92 -16.13
N LEU A 577 -5.88 -4.08 -15.71
CA LEU A 577 -5.89 -2.72 -16.21
C LEU A 577 -4.86 -1.88 -15.47
N VAL A 578 -4.45 -2.33 -14.30
CA VAL A 578 -3.29 -1.80 -13.58
C VAL A 578 -2.24 -2.90 -13.50
N SER A 579 -0.97 -2.52 -13.71
CA SER A 579 0.14 -3.43 -13.50
C SER A 579 0.22 -3.83 -12.02
N ASP A 580 0.96 -4.91 -11.75
CA ASP A 580 1.23 -5.30 -10.37
C ASP A 580 2.02 -4.24 -9.61
N LYS A 581 2.68 -3.30 -10.31
CA LYS A 581 3.35 -2.16 -9.70
C LYS A 581 2.51 -0.89 -9.71
N GLY A 582 1.19 -1.01 -9.80
CA GLY A 582 0.33 0.13 -9.61
C GLY A 582 0.25 1.12 -10.76
N GLN A 583 0.67 0.76 -11.95
CA GLN A 583 0.69 1.64 -13.10
C GLN A 583 -0.50 1.36 -14.01
N LYS A 584 -1.25 2.42 -14.34
CA LYS A 584 -2.46 2.30 -15.17
C LYS A 584 -2.08 2.14 -16.65
N LYS A 585 -2.46 1.02 -17.25
CA LYS A 585 -2.25 0.78 -18.66
C LYS A 585 -3.22 1.61 -19.49
N LYS A 586 -2.89 1.78 -20.78
CA LYS A 586 -3.76 2.55 -21.67
C LYS A 586 -5.22 2.10 -21.59
N ALA A 587 -5.46 0.78 -21.59
CA ALA A 587 -6.84 0.29 -21.61
C ALA A 587 -7.63 0.70 -20.36
N PHE A 588 -6.94 0.99 -19.24
CA PHE A 588 -7.62 1.48 -18.03
C PHE A 588 -8.52 2.66 -18.33
N PHE A 589 -8.05 3.59 -19.17
CA PHE A 589 -8.77 4.82 -19.44
C PHE A 589 -9.90 4.64 -20.42
N VAL A 590 -9.83 3.60 -21.26
CA VAL A 590 -10.99 3.23 -22.09
C VAL A 590 -12.15 2.80 -21.20
N LEU A 591 -11.91 1.85 -20.28
CA LEU A 591 -12.99 1.42 -19.40
C LEU A 591 -13.45 2.55 -18.51
N GLN A 592 -12.51 3.35 -17.98
CA GLN A 592 -12.87 4.49 -17.14
C GLN A 592 -13.80 5.46 -17.87
N LYS A 593 -13.50 5.76 -19.14
CA LYS A 593 -14.35 6.65 -19.91
C LYS A 593 -15.77 6.09 -20.07
N TRP A 594 -15.90 4.81 -20.43
CA TRP A 594 -17.22 4.18 -20.51
C TRP A 594 -17.95 4.26 -19.19
N TYR A 595 -17.23 4.04 -18.09
CA TYR A 595 -17.90 4.03 -16.79
C TYR A 595 -18.36 5.42 -16.41
N LYS A 596 -17.61 6.44 -16.83
CA LYS A 596 -18.07 7.81 -16.65
C LYS A 596 -19.38 8.06 -17.40
N GLU A 597 -19.49 7.54 -18.62
CA GLU A 597 -20.73 7.67 -19.38
C GLU A 597 -21.87 6.89 -18.74
N LEU A 598 -21.59 5.67 -18.23
CA LEU A 598 -22.61 4.91 -17.55
C LEU A 598 -23.10 5.64 -16.31
N THR A 599 -22.18 6.27 -15.57
CA THR A 599 -22.58 7.04 -14.39
C THR A 599 -23.55 8.16 -14.76
N GLU A 600 -23.29 8.87 -15.86
CA GLU A 600 -24.19 9.94 -16.26
C GLU A 600 -25.53 9.40 -16.72
N ALA A 601 -25.50 8.32 -17.53
CA ALA A 601 -26.72 7.75 -18.08
C ALA A 601 -27.64 7.19 -16.99
N TYR A 602 -27.09 6.67 -15.90
CA TYR A 602 -27.89 6.07 -14.84
C TYR A 602 -28.15 7.01 -13.68
N LYS A 603 -27.80 8.29 -13.81
CA LYS A 603 -28.02 9.28 -12.77
C LYS A 603 -29.46 9.23 -12.23
N ALA B 25 20.15 20.16 -18.21
CA ALA B 25 19.13 21.20 -18.26
C ALA B 25 18.68 21.61 -16.87
N PRO B 26 18.24 22.85 -16.69
CA PRO B 26 17.73 23.28 -15.38
C PRO B 26 16.44 22.56 -15.04
N GLN B 27 16.10 22.60 -13.75
CA GLN B 27 14.92 21.93 -13.23
C GLN B 27 13.64 22.42 -13.90
N ILE B 28 12.69 21.50 -14.06
CA ILE B 28 11.34 21.81 -14.52
C ILE B 28 10.41 21.72 -13.33
N MET B 29 9.68 22.81 -13.07
CA MET B 29 8.73 22.86 -11.97
C MET B 29 7.44 22.10 -12.32
N ASN B 30 6.93 21.36 -11.34
CA ASN B 30 5.61 20.73 -11.44
C ASN B 30 5.49 19.81 -12.66
N VAL B 31 6.40 18.83 -12.73
CA VAL B 31 6.47 17.92 -13.87
C VAL B 31 5.13 17.21 -14.11
N SER B 32 4.39 16.91 -13.05
CA SER B 32 3.19 16.10 -13.20
C SER B 32 2.08 16.81 -13.96
N ALA B 33 2.09 18.15 -14.00
CA ALA B 33 1.06 18.89 -14.71
C ALA B 33 1.42 19.16 -16.16
N ARG B 34 2.56 18.65 -16.63
CA ARG B 34 3.00 18.87 -18.00
C ARG B 34 2.49 17.75 -18.90
N GLN B 35 2.80 17.85 -20.20
CA GLN B 35 2.51 16.78 -21.15
C GLN B 35 3.57 15.68 -20.96
N THR B 36 3.25 14.71 -20.11
CA THR B 36 4.17 13.65 -19.71
C THR B 36 3.85 12.33 -20.41
N THR B 37 4.90 11.57 -20.70
CA THR B 37 4.80 10.18 -21.14
C THR B 37 5.78 9.35 -20.30
N SER B 38 5.25 8.35 -19.61
CA SER B 38 6.12 7.55 -18.75
C SER B 38 7.01 6.63 -19.58
N LEU B 39 8.23 6.44 -19.11
CA LEU B 39 9.11 5.39 -19.64
C LEU B 39 9.26 4.26 -18.64
N ASP B 40 8.39 4.19 -17.62
CA ASP B 40 8.57 3.19 -16.59
C ASP B 40 8.12 1.81 -17.07
N GLY B 41 8.50 0.80 -16.31
CA GLY B 41 8.15 -0.56 -16.64
C GLY B 41 9.27 -1.50 -16.27
N GLN B 42 9.63 -2.41 -17.17
CA GLN B 42 10.78 -3.28 -16.97
C GLN B 42 11.80 -3.01 -18.06
N TRP B 43 13.04 -2.79 -17.65
CA TRP B 43 14.14 -2.45 -18.55
C TRP B 43 15.16 -3.58 -18.57
N LYS B 44 15.88 -3.67 -19.69
CA LYS B 44 17.04 -4.55 -19.77
C LYS B 44 18.17 -4.05 -18.88
N THR B 45 18.91 -4.99 -18.29
CA THR B 45 19.94 -4.64 -17.30
C THR B 45 21.18 -5.51 -17.42
N ILE B 46 22.30 -4.97 -16.97
CA ILE B 46 23.58 -5.69 -16.93
C ILE B 46 24.28 -5.31 -15.63
N VAL B 47 24.42 -6.26 -14.72
CA VAL B 47 25.19 -6.02 -13.50
C VAL B 47 26.67 -6.04 -13.85
N ASP B 48 27.43 -5.04 -13.40
CA ASP B 48 28.78 -4.79 -13.92
C ASP B 48 29.68 -4.27 -12.81
N PRO B 49 30.03 -5.13 -11.85
CA PRO B 49 30.79 -4.63 -10.69
C PRO B 49 32.18 -4.10 -11.06
N PHE B 50 32.83 -4.67 -12.07
CA PHE B 50 34.16 -4.21 -12.45
C PHE B 50 34.11 -3.15 -13.54
N GLU B 51 32.90 -2.68 -13.89
CA GLU B 51 32.71 -1.60 -14.86
C GLU B 51 33.39 -1.94 -16.18
N ASN B 52 33.29 -3.23 -16.57
CA ASN B 52 33.78 -3.65 -17.87
C ASN B 52 33.08 -2.89 -19.02
N GLY B 53 31.84 -2.45 -18.82
CA GLY B 53 31.14 -1.75 -19.89
C GLY B 53 31.60 -0.32 -20.11
N TYR B 54 32.41 0.20 -19.21
CA TYR B 54 32.95 1.56 -19.25
C TYR B 54 34.47 1.60 -19.40
N TYR B 55 35.20 0.66 -18.78
CA TYR B 55 36.66 0.66 -18.78
C TYR B 55 37.21 -0.56 -19.49
N ASP B 56 38.30 -0.39 -20.24
CA ASP B 56 38.97 -1.54 -20.81
C ASP B 56 40.00 -2.10 -19.83
N TYR B 57 40.77 -3.10 -20.28
CA TYR B 57 41.69 -3.76 -19.36
C TYR B 57 42.90 -2.89 -19.01
N ARG B 58 43.07 -1.72 -19.66
CA ARG B 58 44.03 -0.73 -19.19
C ARG B 58 43.39 0.28 -18.25
N LEU B 59 42.12 0.06 -17.89
CA LEU B 59 41.34 1.00 -17.07
C LEU B 59 41.15 2.34 -17.78
N LYS B 60 40.97 2.29 -19.10
CA LYS B 60 40.70 3.50 -19.86
C LYS B 60 39.30 3.44 -20.45
N PRO B 61 38.60 4.57 -20.56
CA PRO B 61 37.36 4.58 -21.33
C PRO B 61 37.64 4.11 -22.75
N TYR B 62 36.68 3.39 -23.33
CA TYR B 62 36.88 2.87 -24.68
C TYR B 62 35.60 3.00 -25.50
N ASP B 63 35.77 3.13 -26.81
CA ASP B 63 34.62 3.15 -27.71
C ASP B 63 34.11 1.73 -27.91
N GLY B 64 32.80 1.57 -27.88
CA GLY B 64 32.22 0.25 -27.91
C GLY B 64 31.82 -0.33 -26.56
N GLY B 65 31.86 0.46 -25.50
CA GLY B 65 31.26 0.07 -24.24
C GLY B 65 29.75 -0.05 -24.33
N TYR B 66 29.14 -0.40 -23.19
CA TYR B 66 27.73 -0.79 -23.18
C TYR B 66 26.80 0.37 -23.54
N ALA B 67 27.29 1.61 -23.48
CA ALA B 67 26.45 2.75 -23.86
C ALA B 67 26.00 2.66 -25.30
N GLN B 68 26.74 1.95 -26.16
CA GLN B 68 26.31 1.85 -27.54
C GLN B 68 25.08 0.95 -27.71
N ASP B 69 24.77 0.11 -26.72
CA ASP B 69 23.55 -0.72 -26.78
C ASP B 69 23.48 -1.48 -28.12
N LYS B 70 24.58 -2.12 -28.48
CA LYS B 70 24.63 -2.85 -29.73
C LYS B 70 24.03 -4.24 -29.55
N THR B 71 22.93 -4.50 -30.23
CA THR B 71 22.33 -5.83 -30.16
C THR B 71 23.26 -6.84 -30.82
N TYR B 72 23.52 -7.95 -30.12
CA TYR B 72 24.51 -8.94 -30.55
C TYR B 72 23.87 -9.95 -31.51
N SER B 73 23.53 -9.46 -32.71
CA SER B 73 22.87 -10.32 -33.69
C SER B 73 23.84 -10.94 -34.70
N ASP B 74 25.00 -10.34 -34.95
CA ASP B 74 25.99 -10.89 -35.88
C ASP B 74 27.09 -11.58 -35.06
N LYS B 75 27.02 -12.90 -34.96
CA LYS B 75 27.92 -13.67 -34.12
C LYS B 75 29.21 -14.06 -34.84
N THR B 76 29.42 -13.57 -36.08
CA THR B 76 30.75 -13.68 -36.68
C THR B 76 31.73 -12.67 -36.11
N LYS B 77 31.25 -11.68 -35.37
CA LYS B 77 32.10 -10.75 -34.65
C LYS B 77 32.02 -11.02 -33.15
N LEU B 78 32.96 -10.43 -32.42
CA LEU B 78 33.06 -10.63 -30.97
C LEU B 78 32.53 -9.42 -30.22
N GLN B 79 31.58 -9.64 -29.30
CA GLN B 79 31.39 -8.71 -28.18
C GLN B 79 31.09 -9.52 -26.92
N GLU B 80 31.07 -8.80 -25.78
CA GLU B 80 31.05 -9.43 -24.47
C GLU B 80 29.78 -9.13 -23.70
N TYR B 81 28.72 -8.65 -24.36
CA TYR B 81 27.48 -8.24 -23.70
C TYR B 81 26.34 -8.24 -24.71
N ASP B 82 25.11 -8.28 -24.20
CA ASP B 82 23.93 -8.18 -25.07
C ASP B 82 22.72 -7.77 -24.21
N PHE B 83 22.41 -6.47 -24.22
CA PHE B 83 21.18 -6.02 -23.55
C PHE B 83 19.97 -6.81 -24.05
N GLU B 84 19.94 -7.14 -25.35
CA GLU B 84 18.70 -7.63 -25.94
C GLU B 84 18.25 -8.95 -25.30
N THR B 85 19.19 -9.76 -24.81
CA THR B 85 18.87 -11.04 -24.20
C THR B 85 19.19 -11.08 -22.70
N ASP B 86 19.40 -9.93 -22.06
CA ASP B 86 19.75 -9.98 -20.65
C ASP B 86 18.49 -9.92 -19.79
N LYS B 87 18.67 -9.89 -18.47
CA LYS B 87 17.57 -9.94 -17.52
C LYS B 87 16.98 -8.54 -17.32
N LEU B 88 15.79 -8.50 -16.74
CA LEU B 88 15.05 -7.28 -16.52
C LEU B 88 15.13 -6.80 -15.06
N LEU B 89 14.90 -5.50 -14.87
CA LEU B 89 14.60 -4.93 -13.57
C LEU B 89 13.42 -3.98 -13.72
N PHE B 90 12.63 -3.85 -12.67
CA PHE B 90 11.55 -2.87 -12.67
C PHE B 90 12.10 -1.47 -12.50
N VAL B 91 11.51 -0.52 -13.22
CA VAL B 91 11.84 0.89 -13.11
C VAL B 91 10.50 1.60 -12.98
N PRO B 92 10.28 2.39 -11.90
CA PRO B 92 11.19 2.76 -10.81
C PRO B 92 11.33 1.73 -9.70
N GLY B 93 12.40 1.84 -8.93
CA GLY B 93 12.70 0.90 -7.87
C GLY B 93 14.16 0.79 -7.50
N ASP B 94 14.41 0.57 -6.23
CA ASP B 94 15.68 0.03 -5.81
C ASP B 94 15.89 -1.31 -6.49
N TRP B 95 17.14 -1.65 -6.75
CA TRP B 95 17.40 -2.99 -7.23
C TRP B 95 17.52 -4.01 -6.10
N ASN B 96 17.72 -3.54 -4.87
CA ASN B 96 18.13 -4.42 -3.78
C ASN B 96 17.07 -5.47 -3.44
N THR B 97 15.80 -5.08 -3.46
CA THR B 97 14.71 -6.00 -3.14
C THR B 97 14.22 -6.78 -4.35
N GLN B 98 14.82 -6.57 -5.52
CA GLN B 98 14.31 -7.23 -6.74
C GLN B 98 14.94 -8.59 -6.99
N ARG B 99 16.17 -8.83 -6.53
CA ARG B 99 16.91 -10.10 -6.69
C ARG B 99 17.67 -10.35 -5.40
N PRO B 100 17.71 -11.60 -4.93
CA PRO B 100 18.61 -11.91 -3.80
C PRO B 100 20.03 -11.48 -4.06
N GLN B 101 20.56 -11.73 -5.26
CA GLN B 101 21.92 -11.35 -5.60
C GLN B 101 22.18 -9.85 -5.45
N LEU B 102 21.14 -9.00 -5.53
CA LEU B 102 21.32 -7.55 -5.49
C LEU B 102 21.05 -6.95 -4.12
N TYR B 103 20.77 -7.78 -3.11
CA TYR B 103 20.40 -7.29 -1.78
C TYR B 103 21.43 -6.32 -1.22
N TYR B 104 22.70 -6.71 -1.23
CA TYR B 104 23.80 -5.88 -0.76
C TYR B 104 24.52 -5.13 -1.87
N TYR B 105 24.02 -5.16 -3.10
CA TYR B 105 24.88 -4.82 -4.21
C TYR B 105 25.24 -3.34 -4.21
N GLU B 106 26.54 -3.08 -4.32
CA GLU B 106 27.09 -1.74 -4.36
C GLU B 106 28.04 -1.67 -5.54
N GLY B 107 27.69 -0.86 -6.53
CA GLY B 107 28.44 -0.83 -7.77
C GLY B 107 27.51 -0.46 -8.91
N THR B 108 27.92 -0.82 -10.12
CA THR B 108 27.27 -0.40 -11.34
C THR B 108 26.27 -1.43 -11.81
N VAL B 109 25.07 -0.95 -12.16
CA VAL B 109 24.11 -1.70 -12.96
C VAL B 109 23.77 -0.83 -14.15
N TRP B 110 23.88 -1.40 -15.34
CA TRP B 110 23.44 -0.72 -16.54
C TRP B 110 21.96 -0.98 -16.76
N TYR B 111 21.21 0.06 -17.12
CA TYR B 111 19.81 -0.06 -17.52
C TYR B 111 19.64 0.40 -18.96
N ARG B 112 18.80 -0.30 -19.73
CA ARG B 112 18.57 0.05 -21.12
C ARG B 112 17.07 0.00 -21.45
N LYS B 113 16.60 1.03 -22.18
CA LYS B 113 15.21 1.11 -22.60
C LYS B 113 15.16 1.51 -24.07
N HIS B 114 14.33 0.80 -24.85
CA HIS B 114 14.01 1.19 -26.22
C HIS B 114 12.63 1.85 -26.25
N PHE B 115 12.50 2.96 -26.96
CA PHE B 115 11.20 3.60 -27.07
C PHE B 115 11.09 4.32 -28.40
N GLU B 116 9.84 4.63 -28.77
CA GLU B 116 9.52 5.48 -29.89
C GLU B 116 8.75 6.69 -29.39
N TYR B 117 8.96 7.82 -30.06
CA TYR B 117 8.24 9.04 -29.69
C TYR B 117 8.11 9.89 -30.94
N SER B 118 6.91 10.30 -31.24
CA SER B 118 6.62 11.13 -32.40
C SER B 118 6.56 12.58 -31.92
N LEU B 119 7.64 13.33 -32.14
CA LEU B 119 7.74 14.72 -31.68
C LEU B 119 7.43 15.67 -32.83
N GLN B 120 6.32 16.39 -32.72
CA GLN B 120 5.97 17.31 -33.78
C GLN B 120 7.07 18.36 -33.94
N PRO B 121 7.46 18.68 -35.18
CA PRO B 121 8.49 19.70 -35.40
C PRO B 121 8.20 21.00 -34.68
N GLY B 122 9.18 21.48 -33.92
CA GLY B 122 9.03 22.72 -33.18
C GLY B 122 8.73 22.51 -31.70
N LYS B 123 8.17 21.37 -31.34
CA LYS B 123 8.00 21.06 -29.93
C LYS B 123 9.32 20.54 -29.36
N ARG B 124 9.47 20.72 -28.05
CA ARG B 124 10.67 20.27 -27.35
C ARG B 124 10.36 19.07 -26.46
N LEU B 125 11.39 18.27 -26.20
CA LEU B 125 11.25 17.03 -25.45
C LEU B 125 12.35 16.93 -24.41
N PHE B 126 11.97 16.73 -23.16
CA PHE B 126 12.89 16.59 -22.04
C PHE B 126 12.77 15.20 -21.42
N LEU B 127 13.89 14.64 -21.00
CA LEU B 127 13.94 13.38 -20.27
C LEU B 127 14.18 13.68 -18.80
N ASN B 128 13.21 13.35 -17.95
CA ASN B 128 13.22 13.69 -16.53
C ASN B 128 13.38 12.43 -15.68
N PHE B 129 14.40 12.44 -14.83
CA PHE B 129 14.61 11.41 -13.80
C PHE B 129 14.18 11.98 -12.45
N GLY B 130 13.24 11.32 -11.79
CA GLY B 130 12.85 11.76 -10.46
C GLY B 130 13.96 11.56 -9.44
N ALA B 131 14.71 10.46 -9.57
CA ALA B 131 15.88 10.21 -8.73
C ALA B 131 16.62 8.97 -9.20
N VAL B 132 17.95 9.00 -9.10
CA VAL B 132 18.81 7.86 -9.36
C VAL B 132 19.90 7.84 -8.28
N ASN B 133 20.02 6.73 -7.56
CA ASN B 133 21.06 6.62 -6.54
C ASN B 133 22.15 5.68 -7.04
N TYR B 134 23.41 6.15 -7.08
CA TYR B 134 23.84 7.48 -6.61
C TYR B 134 24.35 8.35 -7.75
N GLU B 135 25.17 7.77 -8.62
CA GLU B 135 25.68 8.44 -9.81
C GLU B 135 24.98 7.85 -11.02
N ALA B 136 24.48 8.72 -11.90
CA ALA B 136 23.88 8.32 -13.16
C ALA B 136 24.66 8.97 -14.29
N ILE B 137 24.94 8.18 -15.32
CA ILE B 137 25.45 8.66 -16.59
C ILE B 137 24.48 8.16 -17.64
N VAL B 138 24.02 9.09 -18.48
CA VAL B 138 22.88 8.84 -19.36
C VAL B 138 23.31 9.07 -20.80
N TRP B 139 22.99 8.11 -21.67
CA TRP B 139 23.18 8.22 -23.11
C TRP B 139 21.83 8.10 -23.82
N LEU B 140 21.75 8.72 -24.98
CA LEU B 140 20.64 8.51 -25.89
C LEU B 140 21.25 8.19 -27.26
N ASN B 141 20.84 7.06 -27.85
CA ASN B 141 21.31 6.67 -29.17
C ASN B 141 22.84 6.72 -29.25
N GLY B 142 23.48 6.30 -28.17
CA GLY B 142 24.93 6.25 -28.09
C GLY B 142 25.60 7.57 -27.76
N LYS B 143 24.87 8.67 -27.66
CA LYS B 143 25.42 9.99 -27.37
C LYS B 143 25.24 10.29 -25.88
N ARG B 144 26.31 10.68 -25.20
CA ARG B 144 26.20 10.99 -23.78
C ARG B 144 25.40 12.28 -23.56
N LEU B 145 24.34 12.18 -22.74
CA LEU B 145 23.57 13.37 -22.38
C LEU B 145 24.22 14.10 -21.22
N GLY B 146 24.75 13.38 -20.26
CA GLY B 146 25.34 14.00 -19.10
C GLY B 146 25.37 13.04 -17.92
N ARG B 147 25.52 13.62 -16.74
CA ARG B 147 25.84 12.87 -15.54
C ARG B 147 25.27 13.59 -14.33
N HIS B 148 24.86 12.83 -13.33
CA HIS B 148 24.26 13.38 -12.12
C HIS B 148 24.78 12.64 -10.90
N ILE B 149 24.98 13.37 -9.82
CA ILE B 149 25.28 12.74 -8.54
C ILE B 149 24.35 13.31 -7.49
N GLY B 150 24.07 12.51 -6.47
CA GLY B 150 23.04 12.84 -5.50
C GLY B 150 21.84 11.98 -5.77
N GLY B 151 21.49 11.12 -4.82
CA GLY B 151 20.54 10.04 -5.08
C GLY B 151 19.07 10.37 -4.92
N PHE B 152 18.72 11.61 -4.52
CA PHE B 152 17.36 11.90 -4.09
C PHE B 152 16.79 13.18 -4.68
N THR B 153 17.42 13.73 -5.71
CA THR B 153 16.98 14.96 -6.35
C THR B 153 16.82 14.74 -7.84
N PRO B 154 15.84 15.39 -8.46
CA PRO B 154 15.54 15.14 -9.87
C PRO B 154 16.52 15.86 -10.80
N PHE B 155 16.58 15.38 -12.03
CA PHE B 155 17.42 16.00 -13.06
C PHE B 155 16.86 15.65 -14.43
N ASN B 156 17.13 16.52 -15.40
CA ASN B 156 16.58 16.23 -16.71
C ASN B 156 17.55 16.67 -17.80
N PHE B 157 17.32 16.14 -19.01
CA PHE B 157 18.11 16.43 -20.18
C PHE B 157 17.18 16.78 -21.33
N GLU B 158 17.56 17.76 -22.14
CA GLU B 158 16.79 18.02 -23.35
C GLU B 158 17.22 17.03 -24.43
N ILE B 159 16.25 16.37 -25.04
CA ILE B 159 16.58 15.43 -26.11
C ILE B 159 15.92 15.81 -27.43
N THR B 160 15.37 17.04 -27.50
CA THR B 160 14.67 17.54 -28.70
C THR B 160 15.37 17.19 -30.00
N ASN B 161 16.68 17.43 -30.08
CA ASN B 161 17.43 17.29 -31.33
C ASN B 161 18.23 16.00 -31.39
N LEU B 162 18.03 15.07 -30.46
CA LEU B 162 18.73 13.80 -30.48
C LEU B 162 17.81 12.63 -30.77
N LEU B 163 16.49 12.84 -30.68
CA LEU B 163 15.51 11.80 -30.97
C LEU B 163 15.57 11.41 -32.43
N LYS B 164 15.65 10.12 -32.71
CA LYS B 164 15.57 9.65 -34.08
C LYS B 164 14.19 9.07 -34.36
N GLU B 165 13.89 8.89 -35.65
CA GLU B 165 12.69 8.16 -36.03
C GLU B 165 12.87 6.70 -35.70
N GLY B 166 11.77 6.04 -35.37
CA GLY B 166 11.85 4.63 -35.05
C GLY B 166 12.38 4.40 -33.65
N THR B 167 13.17 3.34 -33.47
CA THR B 167 13.61 2.95 -32.15
C THR B 167 14.69 3.91 -31.65
N ASN B 168 14.48 4.45 -30.45
CA ASN B 168 15.51 5.16 -29.72
C ASN B 168 16.04 4.29 -28.59
N SER B 169 17.33 4.43 -28.31
CA SER B 169 18.02 3.71 -27.26
C SER B 169 18.41 4.68 -26.14
N LEU B 170 17.86 4.45 -24.94
CA LEU B 170 18.25 5.13 -23.72
C LEU B 170 19.03 4.15 -22.84
N VAL B 171 20.27 4.49 -22.50
CA VAL B 171 21.09 3.67 -21.60
C VAL B 171 21.42 4.51 -20.38
N VAL B 172 21.26 3.94 -19.20
CA VAL B 172 21.59 4.63 -17.94
C VAL B 172 22.56 3.76 -17.15
N LYS B 173 23.76 4.28 -16.90
CA LYS B 173 24.73 3.62 -16.02
C LYS B 173 24.54 4.15 -14.60
N VAL B 174 24.04 3.28 -13.71
CA VAL B 174 23.76 3.62 -12.32
C VAL B 174 24.82 3.00 -11.43
N ASP B 175 25.39 3.81 -10.54
CA ASP B 175 26.38 3.33 -9.58
C ASP B 175 26.06 3.87 -8.20
N ASN B 176 25.97 2.97 -7.21
CA ASN B 176 25.71 3.36 -5.83
C ASN B 176 26.87 3.04 -4.89
N LYS B 177 28.09 2.92 -5.40
CA LYS B 177 29.24 2.72 -4.53
C LYS B 177 29.32 3.86 -3.52
N ARG B 178 29.55 3.52 -2.27
CA ARG B 178 29.76 4.55 -1.25
C ARG B 178 31.11 5.23 -1.47
N LEU B 179 31.13 6.56 -1.47
CA LEU B 179 32.38 7.27 -1.65
C LEU B 179 32.66 8.14 -0.44
N PRO B 180 33.92 8.23 0.00
CA PRO B 180 34.20 9.06 1.18
C PRO B 180 33.76 10.51 1.00
N GLU B 181 33.99 11.08 -0.18
CA GLU B 181 33.72 12.49 -0.46
C GLU B 181 32.26 12.78 -0.86
N ALA B 182 31.39 11.77 -0.88
CA ALA B 182 30.04 11.94 -1.37
C ALA B 182 29.11 12.50 -0.29
N VAL B 183 27.90 12.83 -0.70
CA VAL B 183 26.84 13.28 0.19
C VAL B 183 25.62 12.40 -0.05
N PRO B 184 25.35 11.42 0.82
CA PRO B 184 26.05 11.07 2.08
C PRO B 184 27.34 10.29 1.85
N THR B 185 28.09 10.06 2.91
CA THR B 185 29.42 9.47 2.83
C THR B 185 29.33 7.96 3.11
N VAL B 186 30.43 7.35 3.55
CA VAL B 186 30.54 5.90 3.57
C VAL B 186 29.82 5.25 4.74
N ASN B 187 29.18 6.02 5.60
CA ASN B 187 28.50 5.46 6.77
C ASN B 187 27.18 6.20 6.97
N ALA B 188 26.09 5.43 7.10
CA ALA B 188 24.76 5.96 7.43
C ALA B 188 23.94 4.80 7.97
N ASP B 189 22.82 5.12 8.62
CA ASP B 189 21.98 4.08 9.21
C ASP B 189 20.78 3.72 8.32
N TRP B 190 20.93 3.66 7.00
CA TRP B 190 19.85 3.14 6.17
C TRP B 190 20.43 2.38 4.99
N TRP B 191 19.60 1.53 4.37
CA TRP B 191 20.08 0.66 3.29
C TRP B 191 20.57 1.46 2.09
N ASN B 192 21.67 1.00 1.50
CA ASN B 192 22.21 1.58 0.27
C ASN B 192 21.39 1.06 -0.91
N PHE B 193 20.23 1.68 -1.11
CA PHE B 193 19.31 1.32 -2.18
C PHE B 193 19.81 1.91 -3.51
N GLY B 194 20.34 1.06 -4.38
CA GLY B 194 20.74 1.52 -5.69
C GLY B 194 19.61 1.45 -6.71
N GLY B 195 19.72 2.24 -7.77
CA GLY B 195 18.90 2.05 -8.96
C GLY B 195 18.19 3.32 -9.40
N ILE B 196 17.41 3.16 -10.46
CA ILE B 196 16.50 4.20 -10.91
C ILE B 196 15.28 4.15 -10.00
N THR B 197 15.33 4.87 -8.89
CA THR B 197 14.41 4.68 -7.78
C THR B 197 13.12 5.50 -7.90
N ARG B 198 13.01 6.43 -8.83
CA ARG B 198 11.78 7.19 -9.03
C ARG B 198 11.46 7.24 -10.51
N PRO B 199 10.21 7.60 -10.88
CA PRO B 199 9.78 7.51 -12.27
C PRO B 199 10.68 8.23 -13.27
N VAL B 200 10.72 7.69 -14.49
CA VAL B 200 11.39 8.30 -15.63
C VAL B 200 10.33 8.81 -16.58
N THR B 201 10.41 10.09 -16.92
CA THR B 201 9.31 10.76 -17.61
C THR B 201 9.83 11.55 -18.79
N LEU B 202 9.21 11.38 -19.95
CA LEU B 202 9.39 12.27 -21.08
C LEU B 202 8.40 13.44 -20.95
N ILE B 203 8.91 14.65 -21.11
CA ILE B 203 8.11 15.86 -20.96
C ILE B 203 8.18 16.62 -22.28
N GLU B 204 7.04 16.77 -22.94
CA GLU B 204 6.96 17.60 -24.14
C GLU B 204 6.60 19.03 -23.74
N MET B 205 7.33 20.00 -24.29
CA MET B 205 7.15 21.43 -24.04
C MET B 205 6.97 22.19 -25.35
N PRO B 206 6.30 23.34 -25.30
CA PRO B 206 6.36 24.26 -26.45
C PRO B 206 7.74 24.88 -26.57
N ALA B 207 7.98 25.56 -27.70
CA ALA B 207 9.32 26.04 -28.01
C ALA B 207 9.81 27.04 -26.97
N THR B 208 8.91 27.83 -26.39
CA THR B 208 9.21 28.63 -25.21
C THR B 208 8.20 28.24 -24.15
N TYR B 209 8.68 27.87 -22.97
CA TYR B 209 7.80 27.26 -21.97
C TYR B 209 8.03 27.89 -20.61
N ILE B 210 7.02 27.80 -19.76
CA ILE B 210 7.12 28.21 -18.36
C ILE B 210 7.93 27.16 -17.62
N ARG B 211 9.19 27.45 -17.31
CA ARG B 211 10.02 26.40 -16.70
C ARG B 211 9.85 26.36 -15.19
N ASP B 212 9.76 27.51 -14.54
CA ASP B 212 9.78 27.60 -13.09
C ASP B 212 8.88 28.74 -12.67
N TYR B 213 8.35 28.64 -11.45
CA TYR B 213 7.53 29.71 -10.92
C TYR B 213 7.42 29.54 -9.42
N TYR B 214 7.07 30.62 -8.75
CA TYR B 214 6.90 30.66 -7.31
C TYR B 214 5.64 31.43 -6.99
N VAL B 215 4.77 30.86 -6.15
CA VAL B 215 3.54 31.52 -5.71
C VAL B 215 3.28 31.16 -4.25
N GLN B 216 3.56 32.09 -3.35
CA GLN B 216 3.40 31.87 -1.91
C GLN B 216 3.05 33.20 -1.26
N LEU B 217 2.53 33.15 -0.04
CA LEU B 217 2.38 34.37 0.75
C LEU B 217 3.74 35.00 1.03
N ALA B 218 3.76 36.34 1.01
CA ALA B 218 4.94 37.07 1.46
C ALA B 218 5.17 36.80 2.94
N LYS B 219 6.42 36.98 3.37
CA LYS B 219 6.80 36.70 4.75
C LYS B 219 5.88 37.41 5.74
N ASP B 220 5.27 36.63 6.62
CA ASP B 220 4.47 37.12 7.75
C ASP B 220 3.28 37.96 7.31
N ASP B 221 2.79 37.78 6.10
CA ASP B 221 1.74 38.64 5.54
C ASP B 221 0.58 37.78 5.04
N LYS B 222 -0.45 37.64 5.88
CA LYS B 222 -1.65 36.89 5.50
C LYS B 222 -2.36 37.44 4.26
N ASN B 223 -2.04 38.67 3.82
CA ASN B 223 -2.84 39.36 2.81
C ASN B 223 -2.10 39.65 1.51
N MET B 224 -0.88 39.17 1.35
CA MET B 224 -0.09 39.47 0.17
C MET B 224 0.48 38.19 -0.44
N ILE B 225 0.04 37.87 -1.65
CA ILE B 225 0.62 36.79 -2.44
C ILE B 225 1.73 37.38 -3.28
N GLU B 226 2.92 36.81 -3.20
CA GLU B 226 4.02 37.24 -4.05
C GLU B 226 4.51 36.06 -4.88
N GLY B 227 5.24 36.36 -5.94
CA GLY B 227 5.91 35.30 -6.67
C GLY B 227 6.60 35.80 -7.90
N TRP B 228 6.94 34.84 -8.77
CA TRP B 228 7.67 35.11 -10.00
C TRP B 228 7.51 33.90 -10.90
N VAL B 229 7.98 34.06 -12.13
CA VAL B 229 7.83 33.05 -13.18
C VAL B 229 9.01 33.20 -14.14
N GLN B 230 9.49 32.08 -14.67
CA GLN B 230 10.70 32.06 -15.48
C GLN B 230 10.42 31.26 -16.74
N LEU B 231 10.55 31.91 -17.89
CA LEU B 231 10.40 31.26 -19.19
C LEU B 231 11.75 30.81 -19.71
N GLU B 232 11.70 29.84 -20.62
N GLU B 232 11.71 29.80 -20.57
CA GLU B 232 12.87 29.23 -21.21
CA GLU B 232 12.92 29.30 -21.22
C GLU B 232 12.57 29.05 -22.70
C GLU B 232 12.58 29.08 -22.69
N GLY B 233 13.45 29.55 -23.56
CA GLY B 233 13.26 29.48 -24.99
C GLY B 233 13.51 30.83 -25.65
N SER B 234 13.39 30.84 -26.98
CA SER B 234 13.83 32.02 -27.70
C SER B 234 12.82 33.16 -27.67
N ASP B 235 11.64 32.94 -27.11
CA ASP B 235 10.59 33.96 -27.07
C ASP B 235 10.33 34.42 -25.64
N LYS B 236 11.37 34.97 -24.98
CA LYS B 236 11.35 35.16 -23.54
C LYS B 236 10.53 36.37 -23.10
N GLU B 237 10.21 37.28 -23.99
CA GLU B 237 9.42 38.45 -23.64
C GLU B 237 7.97 38.19 -24.03
N GLN B 238 7.12 38.02 -23.02
CA GLN B 238 5.74 37.58 -23.22
C GLN B 238 4.89 38.15 -22.11
N LYS B 239 3.60 38.30 -22.41
CA LYS B 239 2.60 38.53 -21.38
C LYS B 239 2.30 37.22 -20.66
N ILE B 240 2.15 37.29 -19.35
CA ILE B 240 1.84 36.14 -18.52
C ILE B 240 0.71 36.52 -17.58
N THR B 241 -0.21 35.59 -17.37
CA THR B 241 -1.35 35.80 -16.51
C THR B 241 -1.30 34.79 -15.37
N LEU B 242 -1.41 35.27 -14.14
CA LEU B 242 -1.55 34.38 -13.00
C LEU B 242 -3.02 34.39 -12.62
N ASP B 243 -3.60 33.21 -12.56
CA ASP B 243 -5.03 33.00 -12.41
C ASP B 243 -5.30 32.19 -11.16
N ILE B 244 -5.99 32.78 -10.19
CA ILE B 244 -6.50 32.01 -9.06
C ILE B 244 -8.00 32.23 -9.01
N PRO B 245 -8.78 31.47 -9.78
CA PRO B 245 -10.20 31.83 -9.96
C PRO B 245 -10.99 31.88 -8.66
N GLU B 246 -10.74 30.97 -7.72
CA GLU B 246 -11.51 30.99 -6.48
C GLU B 246 -11.25 32.26 -5.68
N LEU B 247 -10.07 32.86 -5.82
CA LEU B 247 -9.77 34.13 -5.18
C LEU B 247 -10.11 35.32 -6.06
N LYS B 248 -10.71 35.09 -7.22
CA LYS B 248 -10.93 36.13 -8.23
C LYS B 248 -9.65 36.93 -8.46
N VAL B 249 -8.52 36.23 -8.54
CA VAL B 249 -7.23 36.86 -8.83
C VAL B 249 -6.93 36.67 -10.31
N LYS B 250 -6.63 37.76 -11.00
CA LYS B 250 -6.16 37.67 -12.39
C LYS B 250 -5.13 38.79 -12.58
N LYS B 251 -3.87 38.47 -12.37
CA LYS B 251 -2.80 39.45 -12.47
C LYS B 251 -2.02 39.18 -13.75
N GLU B 252 -1.86 40.21 -14.56
CA GLU B 252 -1.09 40.12 -15.79
C GLU B 252 0.21 40.89 -15.65
N VAL B 253 1.30 40.30 -16.15
CA VAL B 253 2.62 40.90 -16.15
C VAL B 253 3.26 40.62 -17.51
N THR B 254 4.47 41.13 -17.68
CA THR B 254 5.25 40.86 -18.88
C THR B 254 6.66 40.50 -18.43
N THR B 255 7.28 39.54 -19.11
CA THR B 255 8.61 39.13 -18.68
C THR B 255 9.65 40.07 -19.29
N ASP B 256 10.83 40.08 -18.68
CA ASP B 256 11.93 40.88 -19.19
C ASP B 256 12.69 40.09 -20.26
N ALA B 257 13.78 40.67 -20.75
CA ALA B 257 14.57 40.04 -21.81
C ALA B 257 15.15 38.69 -21.39
N ASN B 258 15.24 38.43 -20.09
CA ASN B 258 15.70 37.12 -19.64
C ASN B 258 14.56 36.16 -19.36
N GLY B 259 13.33 36.52 -19.74
CA GLY B 259 12.20 35.64 -19.53
C GLY B 259 11.65 35.64 -18.13
N TYR B 260 11.95 36.66 -17.33
CA TYR B 260 11.55 36.67 -15.92
C TYR B 260 10.55 37.77 -15.65
N ALA B 261 9.62 37.49 -14.73
CA ALA B 261 8.68 38.49 -14.23
C ALA B 261 8.31 38.13 -12.80
N SER B 262 8.07 39.15 -11.97
CA SER B 262 7.66 38.96 -10.58
C SER B 262 6.28 39.56 -10.36
N PHE B 263 5.72 39.33 -9.18
CA PHE B 263 4.41 39.93 -8.91
C PHE B 263 4.09 39.96 -7.42
N LEU B 264 3.27 40.94 -7.07
CA LEU B 264 2.71 41.17 -5.75
C LEU B 264 1.20 41.28 -5.94
N ILE B 265 0.43 40.55 -5.14
CA ILE B 265 -1.02 40.51 -5.29
C ILE B 265 -1.64 40.50 -3.90
N LYS B 266 -2.40 41.55 -3.57
CA LYS B 266 -3.14 41.59 -2.31
C LYS B 266 -4.35 40.68 -2.40
N SER B 267 -4.56 39.87 -1.37
CA SER B 267 -5.63 38.90 -1.41
C SER B 267 -5.85 38.35 -0.01
N LYS B 268 -7.06 37.87 0.26
CA LYS B 268 -7.28 37.22 1.54
C LYS B 268 -7.57 35.74 1.31
N PRO B 269 -6.57 34.91 1.05
CA PRO B 269 -6.85 33.47 0.88
C PRO B 269 -7.22 32.82 2.20
N ILE B 270 -8.04 31.77 2.13
CA ILE B 270 -8.18 30.89 3.27
C ILE B 270 -6.83 30.21 3.50
N LEU B 271 -6.36 30.24 4.75
CA LEU B 271 -5.00 29.80 5.07
C LEU B 271 -4.94 28.30 5.37
N TRP B 272 -3.97 27.64 4.78
CA TRP B 272 -3.77 26.20 4.98
C TRP B 272 -3.41 25.91 6.45
N THR B 273 -4.08 24.92 7.03
CA THR B 273 -3.70 24.35 8.31
C THR B 273 -3.76 22.84 8.22
N PRO B 274 -3.15 22.12 9.17
CA PRO B 274 -3.34 20.65 9.21
C PRO B 274 -4.79 20.24 9.35
N GLU B 275 -5.60 21.03 10.07
CA GLU B 275 -7.01 20.67 10.27
C GLU B 275 -7.84 20.94 9.01
N ASN B 276 -7.49 21.97 8.25
N ASN B 276 -7.54 22.02 8.29
CA ASN B 276 -8.19 22.31 7.01
CA ASN B 276 -8.17 22.32 7.01
C ASN B 276 -7.12 22.64 5.98
C ASN B 276 -7.07 22.64 6.00
N PRO B 277 -6.54 21.61 5.34
CA PRO B 277 -5.41 21.80 4.40
C PRO B 277 -5.87 22.36 3.06
N LYS B 278 -6.32 23.63 3.10
CA LYS B 278 -6.93 24.27 1.94
C LYS B 278 -5.89 24.54 0.87
N LEU B 279 -6.15 24.05 -0.35
CA LEU B 279 -5.33 24.34 -1.51
C LEU B 279 -6.18 25.05 -2.56
N TYR B 280 -5.55 25.95 -3.31
CA TYR B 280 -6.22 26.71 -4.35
C TYR B 280 -5.75 26.25 -5.72
N ALA B 281 -6.65 26.25 -6.68
CA ALA B 281 -6.24 26.03 -8.06
C ALA B 281 -5.55 27.29 -8.58
N VAL B 282 -4.30 27.12 -9.03
CA VAL B 282 -3.49 28.21 -9.56
C VAL B 282 -3.12 27.87 -11.00
N ASN B 283 -3.46 28.77 -11.92
CA ASN B 283 -3.19 28.62 -13.34
C ASN B 283 -2.25 29.71 -13.80
N LEU B 284 -1.21 29.31 -14.54
CA LEU B 284 -0.30 30.26 -15.18
C LEU B 284 -0.41 30.06 -16.68
N ALA B 285 -0.67 31.14 -17.41
CA ALA B 285 -0.75 31.09 -18.87
C ALA B 285 0.08 32.22 -19.44
N SER B 286 1.16 31.87 -20.13
CA SER B 286 1.90 32.83 -20.92
C SER B 286 1.37 32.77 -22.34
N GLU B 287 2.03 33.46 -23.27
CA GLU B 287 1.56 33.40 -24.65
C GLU B 287 1.80 32.03 -25.25
N THR B 288 2.82 31.30 -24.79
CA THR B 288 3.25 30.09 -25.45
C THR B 288 3.09 28.83 -24.61
N ASP B 289 2.69 28.95 -23.34
CA ASP B 289 2.64 27.80 -22.44
C ASP B 289 1.55 28.03 -21.41
N LYS B 290 1.08 26.96 -20.79
CA LYS B 290 0.23 27.10 -19.61
C LYS B 290 0.41 25.90 -18.71
N VAL B 291 0.28 26.12 -17.41
CA VAL B 291 0.41 25.06 -16.44
C VAL B 291 -0.46 25.39 -15.24
N SER B 292 -1.06 24.35 -14.66
CA SER B 292 -1.89 24.48 -13.49
C SER B 292 -1.23 23.80 -12.29
N ASP B 293 -1.58 24.27 -11.10
CA ASP B 293 -0.99 23.79 -9.87
C ASP B 293 -2.06 23.81 -8.78
N GLU B 294 -1.72 23.21 -7.65
CA GLU B 294 -2.55 23.24 -6.46
C GLU B 294 -1.67 23.76 -5.34
N ILE B 295 -1.93 24.99 -4.90
CA ILE B 295 -1.02 25.70 -4.01
C ILE B 295 -1.83 26.26 -2.85
N GLY B 296 -1.30 26.10 -1.64
CA GLY B 296 -1.89 26.64 -0.44
C GLY B 296 -1.07 27.78 0.12
N PHE B 297 -1.67 28.49 1.08
CA PHE B 297 -1.09 29.71 1.61
C PHE B 297 -1.10 29.68 3.13
N ARG B 298 0.01 30.10 3.72
CA ARG B 298 0.15 30.12 5.18
C ARG B 298 1.34 30.97 5.53
N THR B 299 1.34 31.50 6.75
CA THR B 299 2.50 32.16 7.33
C THR B 299 3.10 31.30 8.44
N ILE B 300 4.41 31.35 8.58
CA ILE B 300 5.10 30.58 9.61
C ILE B 300 6.22 31.43 10.18
N ARG B 301 6.32 31.45 11.51
CA ARG B 301 7.43 32.16 12.15
C ARG B 301 7.58 31.68 13.58
N THR B 302 8.71 32.00 14.18
CA THR B 302 8.91 31.74 15.59
C THR B 302 8.69 33.03 16.36
N GLU B 303 8.31 32.88 17.63
CA GLU B 303 8.21 34.01 18.55
C GLU B 303 8.59 33.49 19.93
N GLY B 304 9.79 33.83 20.38
CA GLY B 304 10.30 33.21 21.58
C GLY B 304 10.29 31.71 21.39
N ILE B 305 9.67 31.00 22.34
CA ILE B 305 9.67 29.54 22.31
C ILE B 305 8.44 29.02 21.56
N LYS B 306 7.69 29.91 20.92
CA LYS B 306 6.47 29.54 20.20
C LYS B 306 6.75 29.37 18.72
N ILE B 307 6.10 28.37 18.13
CA ILE B 307 6.02 28.20 16.68
C ILE B 307 4.62 28.67 16.26
N LEU B 308 4.57 29.66 15.38
CA LEU B 308 3.32 30.32 15.02
C LEU B 308 2.96 29.97 13.57
N LEU B 309 1.86 29.26 13.41
CA LEU B 309 1.31 28.99 12.09
C LEU B 309 0.08 29.86 11.90
N ASN B 310 0.10 30.71 10.87
CA ASN B 310 -0.96 31.70 10.65
C ASN B 310 -1.24 32.50 11.93
N ASP B 311 -0.17 32.90 12.61
CA ASP B 311 -0.19 33.66 13.86
C ASP B 311 -0.72 32.88 15.05
N LYS B 312 -1.01 31.58 14.90
CA LYS B 312 -1.51 30.77 15.99
C LYS B 312 -0.43 29.82 16.48
N GLU B 313 -0.33 29.70 17.80
CA GLU B 313 0.65 28.82 18.42
C GLU B 313 0.26 27.37 18.18
N ILE B 314 1.19 26.59 17.64
CA ILE B 314 0.93 25.18 17.35
C ILE B 314 1.99 24.34 18.03
N PHE B 315 1.69 23.05 18.18
CA PHE B 315 2.67 22.05 18.55
C PHE B 315 2.84 21.10 17.37
N CYS B 316 4.08 20.78 17.03
CA CYS B 316 4.32 19.85 15.94
C CYS B 316 4.26 18.44 16.50
N ARG B 317 3.08 17.81 16.39
CA ARG B 317 2.88 16.42 16.80
C ARG B 317 3.32 15.57 15.62
N GLY B 318 4.59 15.19 15.62
CA GLY B 318 5.21 14.62 14.45
C GLY B 318 5.61 13.16 14.63
N ILE B 319 6.00 12.56 13.51
CA ILE B 319 6.70 11.29 13.49
C ILE B 319 7.69 11.34 12.32
N SER B 320 8.83 10.68 12.48
CA SER B 320 9.80 10.61 11.39
C SER B 320 9.43 9.47 10.44
N ILE B 321 9.86 9.58 9.18
CA ILE B 321 9.54 8.60 8.14
C ILE B 321 10.70 8.54 7.15
N HIS B 322 11.21 7.34 6.89
CA HIS B 322 12.13 7.09 5.79
C HIS B 322 11.34 6.83 4.51
N GLU B 323 12.02 6.95 3.36
CA GLU B 323 11.34 6.79 2.08
C GLU B 323 11.34 5.32 1.68
N GLU B 324 10.54 4.54 2.40
CA GLU B 324 10.59 3.09 2.27
C GLU B 324 9.19 2.51 2.43
N THR B 325 8.86 1.48 1.61
CA THR B 325 7.46 1.12 1.47
C THR B 325 6.98 0.26 2.62
N PRO B 326 5.69 0.34 2.94
CA PRO B 326 5.05 -0.69 3.76
C PRO B 326 5.15 -2.07 3.12
N TYR B 327 5.26 -3.08 4.00
CA TYR B 327 5.19 -4.51 3.70
C TYR B 327 6.46 -5.07 3.06
N TYR B 328 6.91 -4.53 1.93
CA TYR B 328 8.07 -5.10 1.27
C TYR B 328 9.32 -4.26 1.42
N SER B 329 9.20 -3.03 1.92
CA SER B 329 10.35 -2.24 2.36
C SER B 329 11.36 -2.03 1.22
N GLY B 330 10.84 -1.65 0.06
CA GLY B 330 11.65 -1.07 -1.00
C GLY B 330 11.58 0.45 -0.94
N ARG B 331 12.25 1.09 -1.89
CA ARG B 331 12.18 2.54 -1.97
C ARG B 331 10.79 2.99 -2.40
N ALA B 332 10.20 3.91 -1.64
CA ALA B 332 8.87 4.42 -1.96
C ALA B 332 8.94 5.39 -3.11
N TYR B 333 7.87 5.43 -3.92
CA TYR B 333 7.82 6.39 -5.01
C TYR B 333 6.41 6.83 -5.38
N SER B 334 5.39 6.05 -5.02
CA SER B 334 4.05 6.27 -5.55
C SER B 334 3.12 6.94 -4.54
N LYS B 335 2.00 7.45 -5.07
CA LYS B 335 0.93 7.97 -4.24
C LYS B 335 0.37 6.88 -3.32
N ASP B 336 0.28 5.64 -3.81
CA ASP B 336 -0.11 4.53 -2.95
C ASP B 336 0.77 4.44 -1.71
N HIS B 337 2.10 4.40 -1.90
CA HIS B 337 3.01 4.29 -0.76
C HIS B 337 2.79 5.43 0.20
N ALA B 338 2.77 6.67 -0.32
CA ALA B 338 2.63 7.84 0.55
C ALA B 338 1.34 7.76 1.35
N HIS B 339 0.23 7.45 0.68
CA HIS B 339 -1.05 7.47 1.37
C HIS B 339 -1.09 6.47 2.51
N THR B 340 -0.57 5.26 2.28
CA THR B 340 -0.54 4.26 3.35
C THR B 340 0.29 4.73 4.54
N LEU B 341 1.52 5.19 4.28
CA LEU B 341 2.37 5.66 5.37
C LEU B 341 1.71 6.82 6.13
N LEU B 342 1.19 7.80 5.39
CA LEU B 342 0.59 8.98 6.05
C LEU B 342 -0.74 8.63 6.71
N SER B 343 -1.43 7.60 6.24
CA SER B 343 -2.63 7.17 6.94
C SER B 343 -2.30 6.62 8.32
N TRP B 344 -1.11 5.99 8.48
CA TRP B 344 -0.66 5.57 9.81
C TRP B 344 -0.34 6.79 10.69
N ALA B 345 0.41 7.77 10.14
CA ALA B 345 0.68 9.01 10.87
C ALA B 345 -0.60 9.73 11.26
N LYS B 346 -1.62 9.68 10.40
CA LYS B 346 -2.92 10.24 10.75
C LYS B 346 -3.51 9.54 11.96
N GLU B 347 -3.56 8.21 11.91
CA GLU B 347 -4.11 7.45 13.03
C GLU B 347 -3.34 7.72 14.32
N LEU B 348 -2.02 7.90 14.22
CA LEU B 348 -1.17 8.21 15.37
C LEU B 348 -1.49 9.57 15.99
N GLY B 349 -2.24 10.43 15.30
CA GLY B 349 -2.55 11.75 15.82
C GLY B 349 -1.62 12.85 15.38
N CYS B 350 -0.87 12.66 14.29
CA CYS B 350 0.16 13.61 13.89
C CYS B 350 -0.43 14.72 13.04
N ASN B 351 0.13 15.92 13.19
CA ASN B 351 -0.07 17.02 12.25
C ASN B 351 1.23 17.39 11.52
N PHE B 352 2.24 16.53 11.59
CA PHE B 352 3.59 16.87 11.16
C PHE B 352 4.35 15.58 10.87
N VAL B 353 5.16 15.59 9.82
CA VAL B 353 6.00 14.46 9.50
C VAL B 353 7.39 14.99 9.18
N ARG B 354 8.41 14.34 9.75
CA ARG B 354 9.81 14.59 9.42
C ARG B 354 10.21 13.59 8.34
N LEU B 355 10.46 14.07 7.14
CA LEU B 355 10.90 13.20 6.06
C LEU B 355 12.43 13.13 6.10
N ALA B 356 12.96 12.04 6.66
CA ALA B 356 14.41 11.84 6.83
C ALA B 356 14.97 10.93 5.73
N HIS B 357 16.27 11.05 5.43
CA HIS B 357 17.21 12.09 5.83
C HIS B 357 17.65 12.81 4.54
N TYR B 358 16.72 12.91 3.59
CA TYR B 358 17.00 13.31 2.21
C TYR B 358 15.67 13.74 1.62
N PRO B 359 15.66 14.45 0.49
CA PRO B 359 14.38 14.79 -0.15
C PRO B 359 13.62 13.53 -0.55
N HIS B 360 12.37 13.44 -0.12
CA HIS B 360 11.55 12.31 -0.55
C HIS B 360 10.97 12.58 -1.94
N ASN B 361 10.39 11.54 -2.53
CA ASN B 361 9.71 11.67 -3.81
C ASN B 361 8.59 12.71 -3.68
N GLU B 362 8.21 13.30 -4.81
CA GLU B 362 7.25 14.39 -4.77
C GLU B 362 5.86 13.90 -4.35
N GLU B 363 5.50 12.64 -4.63
CA GLU B 363 4.18 12.17 -4.26
C GLU B 363 3.98 12.19 -2.75
N MET B 364 5.05 11.90 -2.00
CA MET B 364 4.97 11.93 -0.55
C MET B 364 4.68 13.35 -0.06
N VAL B 365 5.43 14.32 -0.59
CA VAL B 365 5.23 15.72 -0.18
C VAL B 365 3.82 16.19 -0.53
N ARG B 366 3.33 15.83 -1.73
CA ARG B 366 2.02 16.28 -2.17
C ARG B 366 0.91 15.64 -1.35
N GLU B 367 1.07 14.34 -1.03
CA GLU B 367 0.05 13.69 -0.22
C GLU B 367 0.04 14.23 1.20
N ALA B 368 1.21 14.52 1.76
CA ALA B 368 1.23 15.23 3.04
C ALA B 368 0.51 16.56 2.93
N GLU B 369 0.74 17.27 1.83
CA GLU B 369 0.14 18.58 1.63
C GLU B 369 -1.38 18.50 1.63
N ARG B 370 -1.94 17.53 0.90
CA ARG B 370 -3.39 17.48 0.78
C ARG B 370 -4.06 16.83 1.99
N MET B 371 -3.37 15.94 2.71
CA MET B 371 -3.95 15.29 3.88
C MET B 371 -3.85 16.13 5.16
N GLY B 372 -2.90 17.05 5.23
CA GLY B 372 -2.81 17.95 6.36
C GLY B 372 -1.64 17.68 7.30
N PHE B 373 -0.45 17.51 6.73
CA PHE B 373 0.75 17.25 7.52
C PHE B 373 1.77 18.33 7.20
N LEU B 374 2.18 19.05 8.24
CA LEU B 374 3.35 19.91 8.13
C LEU B 374 4.59 19.03 7.92
N VAL B 375 5.60 19.59 7.25
CA VAL B 375 6.70 18.76 6.79
C VAL B 375 8.04 19.38 7.15
N TRP B 376 8.95 18.52 7.62
N TRP B 376 8.99 18.48 7.43
CA TRP B 376 10.36 18.85 7.74
CA TRP B 376 10.37 18.73 7.78
C TRP B 376 11.06 18.16 6.58
C TRP B 376 11.20 18.11 6.67
N SER B 377 11.80 18.94 5.81
CA SER B 377 12.46 18.46 4.58
C SER B 377 13.97 18.61 4.72
N GLU B 378 14.72 17.56 4.37
CA GLU B 378 16.14 17.44 4.76
C GLU B 378 17.01 16.99 3.58
N ILE B 379 18.27 17.44 3.57
CA ILE B 379 19.29 16.89 2.67
C ILE B 379 20.25 15.99 3.44
N PRO B 380 20.85 14.95 2.81
CA PRO B 380 21.65 13.96 3.56
C PRO B 380 23.07 14.41 3.90
N VAL B 381 23.19 15.58 4.54
CA VAL B 381 24.46 16.01 5.12
C VAL B 381 24.54 15.36 6.50
N TYR B 382 25.10 14.15 6.56
CA TYR B 382 24.76 13.18 7.60
C TYR B 382 26.05 12.54 8.09
N TRP B 383 26.30 12.61 9.40
CA TRP B 383 27.50 12.03 10.03
C TRP B 383 28.75 12.65 9.40
N THR B 384 29.74 11.86 8.98
CA THR B 384 31.12 12.32 8.80
C THR B 384 31.41 12.82 7.38
N ILE B 385 30.60 13.80 6.94
CA ILE B 385 30.80 14.44 5.65
C ILE B 385 32.20 15.05 5.59
N HIS B 386 32.76 15.12 4.39
CA HIS B 386 34.13 15.65 4.24
C HIS B 386 34.08 17.18 4.16
N TRP B 387 34.14 17.80 5.34
CA TRP B 387 33.86 19.23 5.47
C TRP B 387 34.86 20.09 4.71
N GLU B 388 36.08 19.61 4.53
CA GLU B 388 37.16 20.35 3.90
C GLU B 388 37.23 20.15 2.40
N ASN B 389 36.37 19.31 1.84
CA ASN B 389 36.39 19.03 0.41
C ASN B 389 35.45 20.02 -0.29
N LYS B 390 35.99 20.79 -1.22
CA LYS B 390 35.15 21.80 -1.87
C LYS B 390 34.17 21.18 -2.85
N ASP B 391 34.53 20.05 -3.46
CA ASP B 391 33.54 19.33 -4.26
C ASP B 391 32.41 18.80 -3.39
N THR B 392 32.75 18.29 -2.21
CA THR B 392 31.71 17.87 -1.27
C THR B 392 30.76 19.02 -0.96
N TYR B 393 31.31 20.22 -0.69
CA TYR B 393 30.43 21.34 -0.36
C TYR B 393 29.51 21.67 -1.53
N GLN B 394 30.06 21.75 -2.75
N GLN B 394 30.06 21.74 -2.74
CA GLN B 394 29.24 22.11 -3.89
CA GLN B 394 29.27 22.10 -3.92
C GLN B 394 28.13 21.09 -4.12
C GLN B 394 28.16 21.08 -4.17
N ASN B 395 28.42 19.81 -3.89
CA ASN B 395 27.39 18.78 -4.01
C ASN B 395 26.28 19.00 -2.98
N ALA B 396 26.66 19.23 -1.73
CA ALA B 396 25.66 19.48 -0.69
C ALA B 396 24.83 20.73 -1.01
N GLU B 397 25.49 21.81 -1.47
CA GLU B 397 24.74 23.02 -1.75
C GLU B 397 23.87 22.85 -2.99
N GLN B 398 24.33 22.07 -3.96
CA GLN B 398 23.49 21.78 -5.13
C GLN B 398 22.24 21.01 -4.72
N GLN B 399 22.39 20.03 -3.82
CA GLN B 399 21.25 19.28 -3.32
C GLN B 399 20.31 20.18 -2.53
N LEU B 400 20.88 21.08 -1.73
CA LEU B 400 20.08 22.09 -1.03
C LEU B 400 19.26 22.92 -2.03
N CYS B 401 19.92 23.45 -3.06
CA CYS B 401 19.20 24.26 -4.05
C CYS B 401 18.11 23.44 -4.74
N ASP B 402 18.42 22.20 -5.15
CA ASP B 402 17.44 21.38 -5.84
C ASP B 402 16.26 21.04 -4.94
N MET B 403 16.53 20.77 -3.66
CA MET B 403 15.44 20.44 -2.75
C MET B 403 14.46 21.60 -2.65
N ILE B 404 14.98 22.80 -2.41
CA ILE B 404 14.12 23.97 -2.26
C ILE B 404 13.43 24.32 -3.58
N ALA B 405 14.17 24.22 -4.69
CA ALA B 405 13.59 24.61 -5.98
C ALA B 405 12.40 23.72 -6.34
N ARG B 406 12.49 22.42 -6.06
CA ARG B 406 11.39 21.53 -6.42
C ARG B 406 10.12 21.87 -5.64
N ASP B 407 10.24 22.13 -4.33
CA ASP B 407 9.09 22.12 -3.42
C ASP B 407 8.79 23.50 -2.82
N LYS B 408 9.35 24.57 -3.39
CA LYS B 408 9.18 25.90 -2.78
C LYS B 408 7.72 26.34 -2.69
N ASN B 409 6.80 25.71 -3.43
CA ASN B 409 5.39 26.12 -3.41
C ASN B 409 4.55 25.20 -2.54
N ARG B 410 5.18 24.25 -1.84
CA ARG B 410 4.47 23.32 -0.96
C ARG B 410 4.36 24.00 0.40
N CYS B 411 3.18 24.56 0.70
CA CYS B 411 3.03 25.38 1.89
C CYS B 411 3.11 24.55 3.18
N ASN B 412 2.90 23.23 3.09
CA ASN B 412 3.02 22.40 4.29
C ASN B 412 4.46 22.24 4.75
N ILE B 413 5.44 22.47 3.87
CA ILE B 413 6.83 22.44 4.33
C ILE B 413 7.10 23.71 5.13
N ILE B 414 7.55 23.55 6.37
CA ILE B 414 7.88 24.71 7.20
C ILE B 414 9.31 24.69 7.73
N ILE B 415 10.04 23.59 7.58
CA ILE B 415 11.42 23.49 8.07
C ILE B 415 12.28 22.88 6.97
N TRP B 416 13.32 23.60 6.57
CA TRP B 416 14.42 23.04 5.80
C TRP B 416 15.54 22.62 6.75
N SER B 417 15.95 21.36 6.67
CA SER B 417 17.01 20.84 7.52
C SER B 417 18.27 20.60 6.71
N ILE B 418 19.40 21.09 7.22
CA ILE B 418 20.68 21.11 6.51
C ILE B 418 21.68 20.09 7.02
N ALA B 419 21.35 19.31 8.05
CA ALA B 419 22.30 18.35 8.60
C ALA B 419 21.61 17.43 9.59
N ASN B 420 22.29 16.32 9.90
CA ASN B 420 21.81 15.38 10.90
C ASN B 420 23.02 14.75 11.58
N GLU B 421 23.16 14.97 12.89
CA GLU B 421 24.14 14.30 13.76
C GLU B 421 25.57 14.42 13.20
N THR B 422 25.98 15.65 12.96
CA THR B 422 27.30 15.89 12.43
C THR B 422 28.25 16.28 13.55
N PRO B 423 29.48 15.74 13.54
CA PRO B 423 30.41 16.03 14.65
C PRO B 423 30.86 17.47 14.66
N HIS B 424 31.11 17.98 15.87
CA HIS B 424 31.49 19.38 16.04
C HIS B 424 32.93 19.59 15.58
N SER B 425 33.12 20.49 14.62
CA SER B 425 34.46 20.92 14.25
C SER B 425 34.32 22.26 13.54
N LYS B 426 35.45 22.96 13.44
CA LYS B 426 35.43 24.30 12.88
C LYS B 426 35.08 24.26 11.40
N THR B 427 35.70 23.36 10.66
CA THR B 427 35.37 23.23 9.24
C THR B 427 33.93 22.79 9.04
N ARG B 428 33.42 21.96 9.96
CA ARG B 428 32.02 21.56 9.91
C ARG B 428 31.10 22.76 10.12
N LEU B 429 31.40 23.58 11.13
CA LEU B 429 30.61 24.78 11.38
C LEU B 429 30.61 25.70 10.16
N THR B 430 31.78 25.92 9.57
CA THR B 430 31.85 26.75 8.37
C THR B 430 31.00 26.17 7.26
N PHE B 431 31.15 24.86 7.03
CA PHE B 431 30.40 24.16 5.99
C PHE B 431 28.90 24.38 6.16
N LEU B 432 28.38 24.15 7.37
CA LEU B 432 26.94 24.21 7.59
C LEU B 432 26.41 25.64 7.65
N SER B 433 27.24 26.60 8.11
CA SER B 433 26.81 28.00 8.07
C SER B 433 26.66 28.48 6.64
N ASN B 434 27.56 28.06 5.76
CA ASN B 434 27.37 28.38 4.35
C ASN B 434 26.07 27.78 3.81
N LEU B 435 25.74 26.55 4.24
CA LEU B 435 24.48 25.94 3.82
C LEU B 435 23.30 26.73 4.38
N ALA B 436 23.34 27.06 5.68
CA ALA B 436 22.25 27.81 6.30
C ALA B 436 22.05 29.16 5.61
N ASN B 437 23.15 29.84 5.26
CA ASN B 437 23.02 31.13 4.59
C ASN B 437 22.45 30.98 3.19
N LYS B 438 22.92 29.96 2.46
CA LYS B 438 22.35 29.69 1.15
C LYS B 438 20.85 29.42 1.25
N ALA B 439 20.44 28.65 2.27
CA ALA B 439 19.02 28.34 2.44
C ALA B 439 18.22 29.62 2.64
N ARG B 440 18.70 30.51 3.49
CA ARG B 440 17.97 31.75 3.76
C ARG B 440 17.92 32.63 2.52
N SER B 441 19.01 32.69 1.74
CA SER B 441 19.01 33.49 0.52
C SER B 441 18.01 32.96 -0.51
N LEU B 442 17.68 31.66 -0.44
CA LEU B 442 16.73 31.06 -1.37
C LEU B 442 15.29 31.15 -0.88
N ASP B 443 15.08 31.25 0.43
CA ASP B 443 13.74 31.12 0.99
C ASP B 443 13.75 31.87 2.31
N SER B 444 13.15 33.07 2.32
CA SER B 444 13.14 33.89 3.53
C SER B 444 12.06 33.47 4.52
N VAL B 445 11.15 32.60 4.13
CA VAL B 445 9.96 32.32 4.92
C VAL B 445 10.14 31.12 5.85
N ARG B 446 10.53 29.97 5.31
CA ARG B 446 10.55 28.76 6.10
C ARG B 446 11.68 28.76 7.14
N LEU B 447 11.46 27.98 8.20
CA LEU B 447 12.44 27.86 9.28
C LEU B 447 13.62 27.00 8.86
N ILE B 448 14.81 27.36 9.33
CA ILE B 448 16.01 26.55 9.09
C ILE B 448 16.28 25.69 10.31
N GLY B 449 16.44 24.38 10.09
CA GLY B 449 16.76 23.45 11.15
C GLY B 449 17.96 22.57 10.83
N ALA B 450 18.27 21.69 11.77
CA ALA B 450 19.29 20.65 11.63
C ALA B 450 19.24 19.78 12.87
N ALA B 451 19.36 18.45 12.71
CA ALA B 451 19.33 17.57 13.88
C ALA B 451 20.67 17.68 14.60
N MET B 452 20.68 18.46 15.69
CA MET B 452 21.83 18.52 16.58
C MET B 452 21.77 17.33 17.54
N GLU B 453 22.70 17.29 18.50
CA GLU B 453 22.72 16.24 19.50
C GLU B 453 22.86 16.86 20.90
N LYS B 454 22.47 16.08 21.91
CA LYS B 454 22.45 16.57 23.28
C LYS B 454 23.78 16.31 24.01
N GLU B 455 23.91 16.93 25.18
CA GLU B 455 25.02 16.58 26.06
C GLU B 455 24.55 16.64 27.51
N GLU B 456 25.14 15.77 28.33
CA GLU B 456 24.88 15.75 29.76
C GLU B 456 25.99 16.56 30.41
N VAL B 457 25.73 17.85 30.62
CA VAL B 457 26.80 18.73 31.10
C VAL B 457 27.16 18.41 32.55
N GLN B 458 26.17 18.14 33.39
CA GLN B 458 26.29 17.63 34.74
C GLN B 458 25.30 16.49 34.91
N PRO B 459 25.55 15.57 35.83
CA PRO B 459 24.63 14.43 36.02
C PRO B 459 23.20 14.92 36.23
N GLY B 460 22.29 14.41 35.41
CA GLY B 460 20.89 14.78 35.49
C GLY B 460 20.50 16.03 34.73
N VAL B 461 21.44 16.74 34.11
CA VAL B 461 21.16 18.02 33.47
C VAL B 461 21.50 17.90 31.99
N LEU B 462 20.48 17.89 31.14
CA LEU B 462 20.66 17.71 29.71
C LEU B 462 20.42 19.02 28.97
N THR B 463 21.22 19.26 27.95
CA THR B 463 21.06 20.48 27.15
C THR B 463 21.67 20.22 25.78
N VAL B 464 21.65 21.26 24.95
CA VAL B 464 22.22 21.23 23.62
C VAL B 464 23.21 22.37 23.52
N ASN B 465 24.50 22.05 23.51
CA ASN B 465 25.58 23.03 23.41
C ASN B 465 26.26 22.77 22.07
N ASP B 466 25.77 23.41 21.04
CA ASP B 466 26.28 23.23 19.68
C ASP B 466 26.30 24.62 19.04
N PRO B 467 27.44 25.10 18.56
CA PRO B 467 27.44 26.42 17.93
C PRO B 467 26.55 26.51 16.72
N LEU B 468 26.22 25.37 16.09
CA LEU B 468 25.30 25.40 14.96
C LEU B 468 23.96 26.01 15.34
N GLY B 469 23.54 25.85 16.60
CA GLY B 469 22.24 26.34 17.02
C GLY B 469 22.02 27.80 16.72
N GLU B 470 23.08 28.61 16.75
CA GLU B 470 22.94 30.04 16.49
C GLU B 470 22.44 30.33 15.09
N LEU B 471 22.65 29.41 14.15
CA LEU B 471 22.21 29.63 12.78
C LEU B 471 20.83 29.05 12.49
N LEU B 472 20.19 28.44 13.48
CA LEU B 472 18.93 27.73 13.28
C LEU B 472 17.80 28.51 13.94
N ASP B 473 16.60 28.37 13.38
CA ASP B 473 15.46 29.05 13.99
C ASP B 473 14.88 28.28 15.16
N ILE B 474 15.28 27.02 15.35
CA ILE B 474 14.73 26.18 16.39
C ILE B 474 15.88 25.44 17.03
N ILE B 475 15.65 24.96 18.25
CA ILE B 475 16.63 24.08 18.92
C ILE B 475 16.20 22.65 18.58
N SER B 476 16.62 22.20 17.41
CA SER B 476 16.25 20.89 16.88
C SER B 476 17.39 19.90 17.14
N PHE B 477 17.05 18.77 17.76
CA PHE B 477 18.09 17.81 18.10
C PHE B 477 17.47 16.43 18.33
N ASN B 478 18.34 15.41 18.23
CA ASN B 478 17.99 14.02 18.52
C ASN B 478 18.47 13.64 19.92
N GLU B 479 17.65 12.88 20.63
CA GLU B 479 18.09 12.36 21.92
C GLU B 479 17.45 11.00 22.16
N TYR B 480 18.20 10.12 22.80
CA TYR B 480 17.76 8.74 22.98
C TYR B 480 17.91 8.31 24.44
N VAL B 481 17.57 9.21 25.37
CA VAL B 481 17.50 8.85 26.78
C VAL B 481 16.59 7.65 26.94
N GLY B 482 17.05 6.65 27.67
CA GLY B 482 16.29 5.45 27.93
C GLY B 482 16.46 4.34 26.91
N TRP B 483 17.11 4.62 25.78
CA TRP B 483 17.48 3.56 24.84
C TRP B 483 19.00 3.46 24.72
N TYR B 484 19.66 4.43 24.04
CA TYR B 484 21.12 4.46 23.95
C TYR B 484 21.76 5.00 25.22
N ASP B 485 21.10 5.92 25.90
CA ASP B 485 21.62 6.61 27.09
C ASP B 485 20.77 6.17 28.28
N GLY B 486 21.19 5.10 28.94
CA GLY B 486 20.46 4.57 30.08
C GLY B 486 19.33 3.63 29.69
N ASP B 487 18.81 2.95 30.72
CA ASP B 487 17.56 2.21 30.65
C ASP B 487 16.39 3.19 30.76
N SER B 488 15.17 2.66 30.59
CA SER B 488 13.98 3.51 30.63
C SER B 488 13.92 4.39 31.86
N GLU B 489 14.40 3.88 33.02
CA GLU B 489 14.34 4.63 34.27
C GLU B 489 15.01 5.99 34.16
N LYS B 490 16.07 6.11 33.35
CA LYS B 490 16.82 7.37 33.30
C LYS B 490 15.94 8.54 32.82
N CYS B 491 14.89 8.26 32.03
CA CYS B 491 13.97 9.33 31.64
C CYS B 491 13.41 10.04 32.86
N ASP B 492 13.19 9.29 33.95
CA ASP B 492 12.56 9.81 35.16
C ASP B 492 13.45 10.73 35.97
N ARG B 493 14.76 10.77 35.71
CA ARG B 493 15.67 11.44 36.62
C ARG B 493 16.55 12.44 35.88
N VAL B 494 16.10 12.92 34.73
CA VAL B 494 16.83 13.95 34.01
C VAL B 494 15.89 15.11 33.76
N ASN B 495 16.48 16.29 33.57
CA ASN B 495 15.74 17.44 33.13
C ASN B 495 16.59 18.22 32.14
N TRP B 496 15.91 19.09 31.40
CA TRP B 496 16.50 19.79 30.27
C TRP B 496 16.52 21.29 30.54
N THR B 497 17.56 21.96 30.06
CA THR B 497 17.64 23.40 30.13
C THR B 497 18.29 23.91 28.85
N PHE B 498 17.88 25.09 28.40
CA PHE B 498 18.43 25.67 27.18
C PHE B 498 18.73 27.13 27.43
N ASP B 499 19.87 27.59 26.94
CA ASP B 499 20.35 28.93 27.22
C ASP B 499 19.87 29.96 26.19
N THR B 500 18.95 29.58 25.31
CA THR B 500 18.33 30.55 24.42
C THR B 500 16.83 30.26 24.31
N GLN B 501 16.09 31.30 23.98
CA GLN B 501 14.63 31.25 24.02
C GLN B 501 14.07 31.04 22.61
N LYS B 502 14.45 29.89 22.00
CA LYS B 502 13.97 29.40 20.71
C LYS B 502 13.16 28.14 20.91
N PRO B 503 12.19 27.86 20.03
CA PRO B 503 11.38 26.65 20.22
C PRO B 503 12.26 25.41 20.24
N VAL B 504 11.94 24.50 21.13
CA VAL B 504 12.67 23.25 21.28
C VAL B 504 11.95 22.18 20.46
N PHE B 505 12.67 21.51 19.59
CA PHE B 505 12.11 20.54 18.66
C PHE B 505 12.98 19.28 18.75
N ILE B 506 12.42 18.19 19.24
CA ILE B 506 13.17 16.95 19.35
C ILE B 506 12.87 16.13 18.10
N SER B 507 13.85 16.05 17.19
CA SER B 507 13.65 15.50 15.87
C SER B 507 13.84 13.98 15.81
N GLU B 508 14.33 13.35 16.87
CA GLU B 508 14.38 11.89 16.98
C GLU B 508 14.33 11.51 18.46
N LEU B 509 13.71 10.37 18.74
CA LEU B 509 13.70 9.78 20.08
C LEU B 509 13.07 8.40 19.97
N GLY B 510 13.33 7.53 20.95
CA GLY B 510 12.56 6.31 21.03
C GLY B 510 13.42 5.09 21.29
N GLY B 511 12.89 3.92 20.88
CA GLY B 511 13.57 2.65 21.11
C GLY B 511 13.05 1.55 20.21
N GLY B 512 13.81 0.45 20.19
CA GLY B 512 13.51 -0.66 19.29
C GLY B 512 12.59 -1.71 19.91
N ALA B 513 11.78 -2.35 19.04
CA ALA B 513 10.99 -3.50 19.45
C ALA B 513 10.58 -4.31 18.23
N LEU B 514 10.55 -5.63 18.37
CA LEU B 514 10.01 -6.50 17.32
C LEU B 514 8.53 -6.72 17.58
N TYR B 515 7.68 -6.41 16.60
CA TYR B 515 6.26 -6.70 16.76
C TYR B 515 6.03 -8.20 16.99
N GLY B 516 5.17 -8.51 17.96
CA GLY B 516 4.86 -9.86 18.34
C GLY B 516 5.86 -10.49 19.28
N HIS B 517 6.86 -9.74 19.73
CA HIS B 517 7.89 -10.20 20.65
C HIS B 517 7.60 -9.57 21.99
N HIS B 518 7.20 -10.40 22.95
CA HIS B 518 6.68 -9.95 24.22
C HIS B 518 7.54 -10.46 25.37
N GLY B 519 7.57 -9.70 26.45
CA GLY B 519 8.22 -10.16 27.66
C GLY B 519 8.17 -9.09 28.71
N SER B 520 9.12 -9.16 29.63
CA SER B 520 9.16 -8.19 30.72
C SER B 520 9.44 -6.79 30.18
N PRO B 521 8.89 -5.76 30.82
CA PRO B 521 9.27 -4.39 30.43
C PRO B 521 10.75 -4.07 30.65
N LYS B 522 11.50 -4.91 31.36
CA LYS B 522 12.94 -4.74 31.47
C LYS B 522 13.70 -5.33 30.29
N GLU B 523 13.05 -6.15 29.45
CA GLU B 523 13.75 -6.86 28.39
C GLU B 523 13.71 -6.04 27.10
N ARG B 524 14.88 -5.64 26.62
CA ARG B 524 14.97 -4.82 25.43
C ARG B 524 14.54 -5.58 24.20
N PHE B 525 13.95 -4.86 23.27
CA PHE B 525 13.40 -5.27 21.99
C PHE B 525 12.05 -5.95 22.13
N THR B 526 11.51 -6.10 23.34
CA THR B 526 10.10 -6.48 23.48
C THR B 526 9.20 -5.26 23.28
N GLU B 527 7.96 -5.53 22.89
CA GLU B 527 6.97 -4.44 22.84
C GLU B 527 6.80 -3.78 24.21
N GLU B 528 6.92 -4.55 25.30
CA GLU B 528 6.68 -4.01 26.63
C GLU B 528 7.76 -3.04 27.03
N TYR B 529 9.03 -3.33 26.71
CA TYR B 529 10.09 -2.37 26.98
C TYR B 529 9.84 -1.08 26.22
N GLN B 530 9.53 -1.18 24.93
CA GLN B 530 9.32 0.02 24.14
C GLN B 530 8.13 0.82 24.68
N GLU B 531 7.09 0.11 25.13
CA GLU B 531 5.94 0.78 25.71
C GLU B 531 6.33 1.52 27.00
N ASP B 532 7.05 0.83 27.89
CA ASP B 532 7.47 1.44 29.15
C ASP B 532 8.41 2.62 28.90
N LEU B 533 9.34 2.49 27.96
CA LEU B 533 10.16 3.63 27.56
C LEU B 533 9.30 4.80 27.10
N TYR B 534 8.29 4.54 26.26
CA TYR B 534 7.53 5.67 25.74
C TYR B 534 6.72 6.34 26.84
N ILE B 535 6.29 5.59 27.85
CA ILE B 535 5.55 6.21 28.95
C ILE B 535 6.47 7.12 29.76
N ARG B 536 7.61 6.59 30.20
CA ARG B 536 8.55 7.40 30.96
C ARG B 536 9.12 8.53 30.12
N HIS B 537 9.35 8.30 28.83
CA HIS B 537 9.95 9.32 27.98
C HIS B 537 8.97 10.47 27.75
N VAL B 538 7.69 10.16 27.48
CA VAL B 538 6.67 11.19 27.33
C VAL B 538 6.59 12.05 28.60
N ASN B 539 6.64 11.40 29.77
CA ASN B 539 6.65 12.16 31.03
C ASN B 539 7.85 13.08 31.10
N MET B 540 9.01 12.62 30.63
CA MET B 540 10.16 13.51 30.55
C MET B 540 9.88 14.67 29.60
N LEU B 541 9.34 14.38 28.42
CA LEU B 541 9.04 15.42 27.44
C LEU B 541 8.12 16.49 28.03
N LYS B 542 7.17 16.08 28.85
CA LYS B 542 6.24 17.04 29.44
C LYS B 542 6.91 17.99 30.42
N ARG B 543 8.10 17.67 30.91
CA ARG B 543 8.84 18.56 31.80
C ARG B 543 9.78 19.49 31.05
N ILE B 544 9.89 19.37 29.73
CA ILE B 544 10.85 20.20 29.00
C ILE B 544 10.27 21.58 28.69
N PRO B 545 10.94 22.65 29.14
CA PRO B 545 10.45 23.99 28.83
C PRO B 545 10.75 24.36 27.39
N GLY B 546 9.79 25.02 26.75
CA GLY B 546 9.95 25.49 25.38
C GLY B 546 9.71 24.44 24.32
N LEU B 547 9.32 23.23 24.70
CA LEU B 547 9.11 22.17 23.72
C LEU B 547 7.94 22.52 22.80
N ALA B 548 8.20 22.53 21.49
CA ALA B 548 7.18 22.86 20.52
C ALA B 548 7.01 21.81 19.43
N GLY B 549 7.79 20.74 19.45
CA GLY B 549 7.64 19.68 18.47
C GLY B 549 8.42 18.43 18.80
N THR B 550 7.89 17.28 18.39
CA THR B 550 8.50 15.96 18.53
C THR B 550 8.21 15.14 17.27
N THR B 551 9.26 14.60 16.64
CA THR B 551 9.14 13.64 15.54
C THR B 551 9.91 12.39 15.94
N PRO B 552 9.33 11.55 16.78
CA PRO B 552 10.05 10.36 17.25
C PRO B 552 10.45 9.46 16.09
N TRP B 553 11.50 8.71 16.36
CA TRP B 553 12.13 7.80 15.43
C TRP B 553 11.66 6.41 15.82
N ILE B 554 10.80 5.79 15.00
CA ILE B 554 10.40 6.24 13.68
C ILE B 554 8.98 5.68 13.41
N LEU B 555 8.34 6.05 12.30
CA LEU B 555 6.99 5.54 12.04
C LEU B 555 7.00 4.05 11.73
N LYS B 556 7.85 3.61 10.80
CA LYS B 556 7.88 2.23 10.34
C LYS B 556 9.30 1.68 10.43
N ASP B 557 9.45 0.45 10.96
CA ASP B 557 10.72 -0.25 10.86
C ASP B 557 11.26 -0.16 9.44
N PHE B 558 12.57 0.00 9.29
CA PHE B 558 13.16 0.22 7.98
C PHE B 558 14.51 -0.48 7.90
N ARG B 559 14.99 -0.67 6.67
CA ARG B 559 16.21 -1.42 6.43
C ARG B 559 17.44 -0.62 6.80
N SER B 560 18.36 -1.24 7.55
CA SER B 560 19.66 -0.67 7.87
C SER B 560 20.70 -1.77 7.97
N PRO B 561 21.85 -1.61 7.31
CA PRO B 561 22.93 -2.59 7.45
C PRO B 561 23.70 -2.49 8.76
N ARG B 562 23.24 -1.70 9.72
CA ARG B 562 23.86 -1.60 11.04
C ARG B 562 23.08 -2.34 12.13
N ARG B 563 22.08 -3.13 11.77
CA ARG B 563 21.13 -3.70 12.73
C ARG B 563 21.16 -5.22 12.57
N HIS B 564 21.96 -5.89 13.39
CA HIS B 564 22.37 -7.26 13.11
C HIS B 564 21.91 -8.28 14.14
N VAL B 565 21.06 -7.91 15.10
CA VAL B 565 20.60 -8.92 16.06
C VAL B 565 19.72 -9.90 15.32
N PRO B 566 20.10 -11.18 15.22
CA PRO B 566 19.29 -12.14 14.48
C PRO B 566 17.90 -12.34 15.10
N GLU B 567 16.90 -12.50 14.23
CA GLU B 567 15.51 -12.80 14.61
C GLU B 567 14.82 -11.62 15.28
N ILE B 568 15.58 -10.59 15.64
CA ILE B 568 15.02 -9.37 16.21
C ILE B 568 15.13 -8.22 15.23
N GLN B 569 16.35 -7.90 14.79
CA GLN B 569 16.56 -6.84 13.81
C GLN B 569 16.57 -7.39 12.37
N ASP B 570 17.40 -8.39 12.08
CA ASP B 570 17.51 -8.96 10.72
C ASP B 570 17.64 -7.87 9.66
N ASP B 571 18.60 -6.97 9.86
CA ASP B 571 18.88 -5.85 8.96
C ASP B 571 17.74 -4.84 8.91
N PHE B 572 16.97 -4.73 9.99
CA PHE B 572 15.99 -3.67 10.15
C PHE B 572 16.28 -2.90 11.42
N ASN B 573 16.26 -1.56 11.31
CA ASN B 573 16.05 -0.72 12.47
C ASN B 573 14.63 -0.97 12.99
N ARG B 574 14.51 -1.33 14.25
CA ARG B 574 13.23 -1.76 14.81
C ARG B 574 12.59 -0.69 15.67
N LYS B 575 12.93 0.58 15.48
CA LYS B 575 12.37 1.62 16.31
C LYS B 575 11.03 2.14 15.78
N GLY B 576 10.45 1.45 14.80
CA GLY B 576 9.11 1.80 14.37
C GLY B 576 8.11 1.70 15.52
N LEU B 577 7.13 2.59 15.49
CA LEU B 577 5.90 2.39 16.25
C LEU B 577 4.95 1.50 15.47
N VAL B 578 5.20 1.37 14.18
CA VAL B 578 4.52 0.41 13.31
C VAL B 578 5.60 -0.52 12.76
N SER B 579 5.30 -1.81 12.74
CA SER B 579 6.21 -2.77 12.11
C SER B 579 6.31 -2.50 10.61
N ASP B 580 7.30 -3.15 9.98
CA ASP B 580 7.38 -3.07 8.52
C ASP B 580 6.19 -3.74 7.85
N LYS B 581 5.43 -4.55 8.60
CA LYS B 581 4.22 -5.21 8.09
C LYS B 581 2.94 -4.50 8.53
N GLY B 582 3.03 -3.22 8.90
CA GLY B 582 1.83 -2.44 9.17
C GLY B 582 1.14 -2.69 10.48
N GLN B 583 1.81 -3.33 11.45
CA GLN B 583 1.24 -3.65 12.75
C GLN B 583 1.65 -2.60 13.79
N LYS B 584 0.68 -2.06 14.51
CA LYS B 584 0.93 -1.05 15.52
C LYS B 584 1.44 -1.70 16.81
N LYS B 585 2.64 -1.31 17.23
CA LYS B 585 3.20 -1.85 18.47
C LYS B 585 2.53 -1.15 19.66
N LYS B 586 2.69 -1.74 20.85
CA LYS B 586 2.09 -1.17 22.05
C LYS B 586 2.45 0.31 22.22
N ALA B 587 3.71 0.67 21.97
CA ALA B 587 4.14 2.04 22.21
C ALA B 587 3.43 3.03 21.28
N PHE B 588 2.95 2.57 20.12
CA PHE B 588 2.19 3.44 19.22
C PHE B 588 1.06 4.14 19.95
N PHE B 589 0.37 3.42 20.83
CA PHE B 589 -0.80 3.98 21.52
C PHE B 589 -0.41 4.90 22.66
N VAL B 590 0.78 4.74 23.25
CA VAL B 590 1.27 5.70 24.22
C VAL B 590 1.44 7.06 23.57
N LEU B 591 2.12 7.11 22.42
CA LEU B 591 2.33 8.40 21.74
C LEU B 591 1.01 8.94 21.20
N GLN B 592 0.16 8.06 20.68
CA GLN B 592 -1.15 8.50 20.19
C GLN B 592 -1.93 9.19 21.30
N LYS B 593 -1.89 8.63 22.51
CA LYS B 593 -2.59 9.20 23.65
C LYS B 593 -2.05 10.59 24.00
N TRP B 594 -0.72 10.74 24.06
CA TRP B 594 -0.15 12.06 24.33
C TRP B 594 -0.52 13.06 23.23
N TYR B 595 -0.56 12.60 21.97
CA TYR B 595 -0.87 13.52 20.88
C TYR B 595 -2.33 13.95 20.95
N LYS B 596 -3.20 13.09 21.48
CA LYS B 596 -4.58 13.47 21.71
C LYS B 596 -4.68 14.59 22.75
N GLU B 597 -3.90 14.47 23.82
CA GLU B 597 -3.87 15.51 24.84
C GLU B 597 -3.35 16.82 24.26
N LEU B 598 -2.28 16.77 23.46
CA LEU B 598 -1.74 17.97 22.88
C LEU B 598 -2.71 18.61 21.88
N THR B 599 -3.50 17.79 21.18
CA THR B 599 -4.50 18.33 20.27
C THR B 599 -5.53 19.17 21.03
N GLU B 600 -6.06 18.63 22.13
CA GLU B 600 -6.99 19.38 22.95
C GLU B 600 -6.32 20.62 23.53
N ALA B 601 -5.11 20.45 24.08
CA ALA B 601 -4.47 21.55 24.79
C ALA B 601 -4.12 22.70 23.89
N TYR B 602 -3.84 22.44 22.61
CA TYR B 602 -3.48 23.52 21.69
C TYR B 602 -4.66 24.00 20.87
N LYS B 603 -5.89 23.60 21.22
CA LYS B 603 -7.10 24.02 20.50
C LYS B 603 -7.15 25.54 20.38
C1 GOL C . 2.30 -34.71 15.47
O1 GOL C . 3.56 -34.14 15.22
C2 GOL C . 2.42 -35.71 16.60
O2 GOL C . 3.39 -36.67 16.24
C3 GOL C . 2.91 -35.00 17.87
O3 GOL C . 2.72 -35.84 18.99
C1 GOL D . 4.12 -12.68 2.86
O1 GOL D . 2.89 -12.24 2.35
C2 GOL D . 4.77 -11.64 3.77
O2 GOL D . 4.92 -10.41 3.09
C3 GOL D . 3.88 -11.41 4.98
O3 GOL D . 4.42 -10.35 5.74
C1 GOL E . -4.66 -22.67 -7.10
O1 GOL E . -3.47 -22.02 -6.79
C2 GOL E . -4.72 -23.94 -6.26
O2 GOL E . -4.92 -23.58 -4.92
C3 GOL E . -5.86 -24.84 -6.74
O3 GOL E . -5.90 -25.97 -5.90
C1 GOL F . -4.31 -26.34 -2.96
O1 GOL F . -3.93 -25.00 -2.67
C2 GOL F . -5.73 -26.58 -2.46
O2 GOL F . -6.62 -25.79 -3.21
C3 GOL F . -6.14 -28.08 -2.50
O3 GOL F . -6.38 -28.51 -3.82
C1 GOL G . -11.17 -17.82 -15.25
O1 GOL G . -12.35 -17.71 -14.49
C2 GOL G . -10.11 -16.87 -14.69
O2 GOL G . -9.86 -17.14 -13.33
C3 GOL G . -8.81 -17.11 -15.43
O3 GOL G . -7.85 -16.28 -14.84
CL CL H . -2.36 -12.84 -19.85
C1 GOL I . 23.55 4.66 3.01
O1 GOL I . 22.83 3.52 2.61
C2 GOL I . 24.53 5.01 1.90
O2 GOL I . 23.80 5.47 0.77
C3 GOL I . 25.44 6.11 2.42
O3 GOL I . 26.45 6.41 1.47
C1 GOL J . 27.51 7.67 -2.05
O1 GOL J . 28.44 7.55 -0.99
C2 GOL J . 26.28 6.93 -1.53
O2 GOL J . 25.25 7.75 -1.07
C3 GOL J . 25.92 5.58 -2.16
O3 GOL J . 24.59 5.23 -1.82
C1 GOL K . 20.22 8.92 13.27
O1 GOL K . 19.93 10.25 12.88
C2 GOL K . 19.18 8.01 12.64
O2 GOL K . 19.24 8.08 11.21
C3 GOL K . 19.43 6.59 13.13
O3 GOL K . 18.63 5.72 12.38
C1 GOL L . 10.15 -2.50 -8.20
O1 GOL L . 8.83 -2.44 -8.67
C2 GOL L . 10.13 -2.49 -6.69
O2 GOL L . 9.43 -3.62 -6.20
C3 GOL L . 11.56 -2.42 -6.18
O3 GOL L . 11.53 -1.42 -5.19
C1 GOL M . 30.51 3.73 -22.31
O1 GOL M . 29.89 2.47 -22.41
C2 GOL M . 31.95 3.66 -22.83
O2 GOL M . 31.96 3.48 -24.23
C3 GOL M . 32.68 4.95 -22.47
O3 GOL M . 33.80 4.64 -21.66
C1 GOL N . 23.66 3.00 16.12
O1 GOL N . 24.35 2.10 16.98
C2 GOL N . 23.59 4.45 16.64
O2 GOL N . 24.88 4.98 16.93
C3 GOL N . 22.91 5.30 15.57
O3 GOL N . 22.75 6.64 16.02
CL CL O . 16.74 -0.93 16.69
#